data_1T3J
# 
_entry.id   1T3J 
# 
_audit_conform.dict_name       mmcif_pdbx.dic 
_audit_conform.dict_version    5.386 
_audit_conform.dict_location   http://mmcif.pdb.org/dictionaries/ascii/mmcif_pdbx.dic 
# 
loop_
_database_2.database_id 
_database_2.database_code 
_database_2.pdbx_database_accession 
_database_2.pdbx_DOI 
PDB   1T3J         pdb_00001t3j 10.2210/pdb1t3j/pdb 
RCSB  RCSB022266   ?            ?                   
WWPDB D_1000022266 ?            ?                   
# 
loop_
_pdbx_audit_revision_history.ordinal 
_pdbx_audit_revision_history.data_content_type 
_pdbx_audit_revision_history.major_revision 
_pdbx_audit_revision_history.minor_revision 
_pdbx_audit_revision_history.revision_date 
1 'Structure model' 1 0 2004-08-17 
2 'Structure model' 1 1 2008-04-30 
3 'Structure model' 1 2 2011-07-13 
4 'Structure model' 1 3 2021-10-27 
5 'Structure model' 1 4 2024-02-14 
# 
_pdbx_audit_revision_details.ordinal             1 
_pdbx_audit_revision_details.revision_ordinal    1 
_pdbx_audit_revision_details.data_content_type   'Structure model' 
_pdbx_audit_revision_details.provider            repository 
_pdbx_audit_revision_details.type                'Initial release' 
_pdbx_audit_revision_details.description         ? 
_pdbx_audit_revision_details.details             ? 
# 
loop_
_pdbx_audit_revision_group.ordinal 
_pdbx_audit_revision_group.revision_ordinal 
_pdbx_audit_revision_group.data_content_type 
_pdbx_audit_revision_group.group 
1 2 'Structure model' 'Version format compliance' 
2 3 'Structure model' 'Derived calculations'      
3 3 'Structure model' 'Version format compliance' 
4 4 'Structure model' 'Database references'       
5 5 'Structure model' 'Data collection'           
# 
loop_
_pdbx_audit_revision_category.ordinal 
_pdbx_audit_revision_category.revision_ordinal 
_pdbx_audit_revision_category.data_content_type 
_pdbx_audit_revision_category.category 
1 4 'Structure model' database_2         
2 4 'Structure model' struct_ref_seq_dif 
3 5 'Structure model' chem_comp_atom     
4 5 'Structure model' chem_comp_bond     
# 
loop_
_pdbx_audit_revision_item.ordinal 
_pdbx_audit_revision_item.revision_ordinal 
_pdbx_audit_revision_item.data_content_type 
_pdbx_audit_revision_item.item 
1 4 'Structure model' '_database_2.pdbx_DOI'                
2 4 'Structure model' '_database_2.pdbx_database_accession' 
3 4 'Structure model' '_struct_ref_seq_dif.details'         
# 
_pdbx_database_status.entry_id                        1T3J 
_pdbx_database_status.deposit_site                    RCSB 
_pdbx_database_status.process_site                    RCSB 
_pdbx_database_status.recvd_initial_deposition_date   2004-04-26 
_pdbx_database_status.status_code                     REL 
_pdbx_database_status.status_code_sf                  REL 
_pdbx_database_status.SG_entry                        . 
_pdbx_database_status.pdb_format_compatible           Y 
_pdbx_database_status.status_code_mr                  ? 
_pdbx_database_status.status_code_cs                  ? 
_pdbx_database_status.status_code_nmr_data            ? 
_pdbx_database_status.methods_development_category    ? 
# 
loop_
_audit_author.name 
_audit_author.pdbx_ordinal 
'Koshiba, T.'     1 
'Detmer, S.A.'    2 
'Kaiser, J.T.'    3 
'Chen, H.'        4 
'McCaffery, J.M.' 5 
'Chan, D.C.'      6 
# 
_citation.id                        primary 
_citation.title                     'Structural basis of mitochondrial tethering by mitofusin complexes' 
_citation.journal_abbrev            Science 
_citation.journal_volume            305 
_citation.page_first                858 
_citation.page_last                 862 
_citation.year                      2004 
_citation.journal_id_ASTM           SCIEAS 
_citation.country                   US 
_citation.journal_id_ISSN           0036-8075 
_citation.journal_id_CSD            0038 
_citation.book_publisher            ? 
_citation.pdbx_database_id_PubMed   15297672 
_citation.pdbx_database_id_DOI      10.1126/science.1099793 
# 
loop_
_citation_author.citation_id 
_citation_author.name 
_citation_author.ordinal 
_citation_author.identifier_ORCID 
primary 'Koshiba, T.'     1 ? 
primary 'Detmer, S.A.'    2 ? 
primary 'Kaiser, J.T.'    3 ? 
primary 'Chen, H.'        4 ? 
primary 'McCaffery, J.M.' 5 ? 
primary 'Chan, D.C.'      6 ? 
# 
loop_
_entity.id 
_entity.type 
_entity.src_method 
_entity.pdbx_description 
_entity.formula_weight 
_entity.pdbx_number_of_molecules 
_entity.pdbx_ec 
_entity.pdbx_mutation 
_entity.pdbx_fragment 
_entity.details 
1 polymer man 'mitofusin 1' 11107.447 1  ? 'V686M, I708M' ? ? 
2 water   nat water         18.015    33 ? ?              ? ? 
# 
_entity_poly.entity_id                      1 
_entity_poly.type                           'polypeptide(L)' 
_entity_poly.nstd_linkage                   no 
_entity_poly.nstd_monomer                   no 
_entity_poly.pdbx_seq_one_letter_code       
;GSSHHHHHHSSGLVPRGSHMFTSANCSHQVQQEMATTFARLCQQVDMTQKHLEEEIARLSKEIDQLEKMQNNSKLLRNKA
VQLESELENFSKQFLH
;
_entity_poly.pdbx_seq_one_letter_code_can   
;GSSHHHHHHSSGLVPRGSHMFTSANCSHQVQQEMATTFARLCQQVDMTQKHLEEEIARLSKEIDQLEKMQNNSKLLRNKA
VQLESELENFSKQFLH
;
_entity_poly.pdbx_strand_id                 A 
_entity_poly.pdbx_target_identifier         ? 
# 
_pdbx_entity_nonpoly.entity_id   2 
_pdbx_entity_nonpoly.name        water 
_pdbx_entity_nonpoly.comp_id     HOH 
# 
loop_
_entity_poly_seq.entity_id 
_entity_poly_seq.num 
_entity_poly_seq.mon_id 
_entity_poly_seq.hetero 
1 1  GLY n 
1 2  SER n 
1 3  SER n 
1 4  HIS n 
1 5  HIS n 
1 6  HIS n 
1 7  HIS n 
1 8  HIS n 
1 9  HIS n 
1 10 SER n 
1 11 SER n 
1 12 GLY n 
1 13 LEU n 
1 14 VAL n 
1 15 PRO n 
1 16 ARG n 
1 17 GLY n 
1 18 SER n 
1 19 HIS n 
1 20 MET n 
1 21 PHE n 
1 22 THR n 
1 23 SER n 
1 24 ALA n 
1 25 ASN n 
1 26 CYS n 
1 27 SER n 
1 28 HIS n 
1 29 GLN n 
1 30 VAL n 
1 31 GLN n 
1 32 GLN n 
1 33 GLU n 
1 34 MET n 
1 35 ALA n 
1 36 THR n 
1 37 THR n 
1 38 PHE n 
1 39 ALA n 
1 40 ARG n 
1 41 LEU n 
1 42 CYS n 
1 43 GLN n 
1 44 GLN n 
1 45 VAL n 
1 46 ASP n 
1 47 MET n 
1 48 THR n 
1 49 GLN n 
1 50 LYS n 
1 51 HIS n 
1 52 LEU n 
1 53 GLU n 
1 54 GLU n 
1 55 GLU n 
1 56 ILE n 
1 57 ALA n 
1 58 ARG n 
1 59 LEU n 
1 60 SER n 
1 61 LYS n 
1 62 GLU n 
1 63 ILE n 
1 64 ASP n 
1 65 GLN n 
1 66 LEU n 
1 67 GLU n 
1 68 LYS n 
1 69 MET n 
1 70 GLN n 
1 71 ASN n 
1 72 ASN n 
1 73 SER n 
1 74 LYS n 
1 75 LEU n 
1 76 LEU n 
1 77 ARG n 
1 78 ASN n 
1 79 LYS n 
1 80 ALA n 
1 81 VAL n 
1 82 GLN n 
1 83 LEU n 
1 84 GLU n 
1 85 SER n 
1 86 GLU n 
1 87 LEU n 
1 88 GLU n 
1 89 ASN n 
1 90 PHE n 
1 91 SER n 
1 92 LYS n 
1 93 GLN n 
1 94 PHE n 
1 95 LEU n 
1 96 HIS n 
# 
_entity_src_gen.entity_id                          1 
_entity_src_gen.pdbx_src_id                        1 
_entity_src_gen.pdbx_alt_source_flag               sample 
_entity_src_gen.pdbx_seq_type                      ? 
_entity_src_gen.pdbx_beg_seq_num                   ? 
_entity_src_gen.pdbx_end_seq_num                   ? 
_entity_src_gen.gene_src_common_name               'house mouse' 
_entity_src_gen.gene_src_genus                     Mus 
_entity_src_gen.pdbx_gene_src_gene                 MFN1 
_entity_src_gen.gene_src_species                   ? 
_entity_src_gen.gene_src_strain                    ? 
_entity_src_gen.gene_src_tissue                    ? 
_entity_src_gen.gene_src_tissue_fraction           ? 
_entity_src_gen.gene_src_details                   ? 
_entity_src_gen.pdbx_gene_src_fragment             ? 
_entity_src_gen.pdbx_gene_src_scientific_name      'Mus musculus' 
_entity_src_gen.pdbx_gene_src_ncbi_taxonomy_id     10090 
_entity_src_gen.pdbx_gene_src_variant              ? 
_entity_src_gen.pdbx_gene_src_cell_line            ? 
_entity_src_gen.pdbx_gene_src_atcc                 ? 
_entity_src_gen.pdbx_gene_src_organ                ? 
_entity_src_gen.pdbx_gene_src_organelle            ? 
_entity_src_gen.pdbx_gene_src_cell                 ? 
_entity_src_gen.pdbx_gene_src_cellular_location    ? 
_entity_src_gen.host_org_common_name               ? 
_entity_src_gen.pdbx_host_org_scientific_name      'Escherichia coli BL21(DE3)' 
_entity_src_gen.pdbx_host_org_ncbi_taxonomy_id     469008 
_entity_src_gen.host_org_genus                     Escherichia 
_entity_src_gen.pdbx_host_org_gene                 ? 
_entity_src_gen.pdbx_host_org_organ                ? 
_entity_src_gen.host_org_species                   'Escherichia coli' 
_entity_src_gen.pdbx_host_org_tissue               ? 
_entity_src_gen.pdbx_host_org_tissue_fraction      ? 
_entity_src_gen.pdbx_host_org_strain               'BL21(DE3)' 
_entity_src_gen.pdbx_host_org_variant              ? 
_entity_src_gen.pdbx_host_org_cell_line            ? 
_entity_src_gen.pdbx_host_org_atcc                 ? 
_entity_src_gen.pdbx_host_org_culture_collection   ? 
_entity_src_gen.pdbx_host_org_cell                 ? 
_entity_src_gen.pdbx_host_org_organelle            ? 
_entity_src_gen.pdbx_host_org_cellular_location    ? 
_entity_src_gen.pdbx_host_org_vector_type          plasmid 
_entity_src_gen.pdbx_host_org_vector               ? 
_entity_src_gen.host_org_details                   ? 
_entity_src_gen.expression_system_id               ? 
_entity_src_gen.plasmid_name                       'pET28a(+),pET28-MFN1-HR2' 
_entity_src_gen.plasmid_details                    ? 
_entity_src_gen.pdbx_description                   ? 
# 
loop_
_chem_comp.id 
_chem_comp.type 
_chem_comp.mon_nstd_flag 
_chem_comp.name 
_chem_comp.pdbx_synonyms 
_chem_comp.formula 
_chem_comp.formula_weight 
ALA 'L-peptide linking' y ALANINE         ? 'C3 H7 N O2'     89.093  
ARG 'L-peptide linking' y ARGININE        ? 'C6 H15 N4 O2 1' 175.209 
ASN 'L-peptide linking' y ASPARAGINE      ? 'C4 H8 N2 O3'    132.118 
ASP 'L-peptide linking' y 'ASPARTIC ACID' ? 'C4 H7 N O4'     133.103 
CYS 'L-peptide linking' y CYSTEINE        ? 'C3 H7 N O2 S'   121.158 
GLN 'L-peptide linking' y GLUTAMINE       ? 'C5 H10 N2 O3'   146.144 
GLU 'L-peptide linking' y 'GLUTAMIC ACID' ? 'C5 H9 N O4'     147.129 
GLY 'peptide linking'   y GLYCINE         ? 'C2 H5 N O2'     75.067  
HIS 'L-peptide linking' y HISTIDINE       ? 'C6 H10 N3 O2 1' 156.162 
HOH non-polymer         . WATER           ? 'H2 O'           18.015  
ILE 'L-peptide linking' y ISOLEUCINE      ? 'C6 H13 N O2'    131.173 
LEU 'L-peptide linking' y LEUCINE         ? 'C6 H13 N O2'    131.173 
LYS 'L-peptide linking' y LYSINE          ? 'C6 H15 N2 O2 1' 147.195 
MET 'L-peptide linking' y METHIONINE      ? 'C5 H11 N O2 S'  149.211 
PHE 'L-peptide linking' y PHENYLALANINE   ? 'C9 H11 N O2'    165.189 
PRO 'L-peptide linking' y PROLINE         ? 'C5 H9 N O2'     115.130 
SER 'L-peptide linking' y SERINE          ? 'C3 H7 N O3'     105.093 
THR 'L-peptide linking' y THREONINE       ? 'C4 H9 N O3'     119.119 
VAL 'L-peptide linking' y VALINE          ? 'C5 H11 N O2'    117.146 
# 
loop_
_pdbx_poly_seq_scheme.asym_id 
_pdbx_poly_seq_scheme.entity_id 
_pdbx_poly_seq_scheme.seq_id 
_pdbx_poly_seq_scheme.mon_id 
_pdbx_poly_seq_scheme.ndb_seq_num 
_pdbx_poly_seq_scheme.pdb_seq_num 
_pdbx_poly_seq_scheme.auth_seq_num 
_pdbx_poly_seq_scheme.pdb_mon_id 
_pdbx_poly_seq_scheme.auth_mon_id 
_pdbx_poly_seq_scheme.pdb_strand_id 
_pdbx_poly_seq_scheme.pdb_ins_code 
_pdbx_poly_seq_scheme.hetero 
A 1 1  GLY 1  640 ?   ?   ?   A . n 
A 1 2  SER 2  641 ?   ?   ?   A . n 
A 1 3  SER 3  642 ?   ?   ?   A . n 
A 1 4  HIS 4  643 ?   ?   ?   A . n 
A 1 5  HIS 5  644 ?   ?   ?   A . n 
A 1 6  HIS 6  645 ?   ?   ?   A . n 
A 1 7  HIS 7  646 ?   ?   ?   A . n 
A 1 8  HIS 8  647 ?   ?   ?   A . n 
A 1 9  HIS 9  648 ?   ?   ?   A . n 
A 1 10 SER 10 649 ?   ?   ?   A . n 
A 1 11 SER 11 650 ?   ?   ?   A . n 
A 1 12 GLY 12 651 ?   ?   ?   A . n 
A 1 13 LEU 13 652 ?   ?   ?   A . n 
A 1 14 VAL 14 653 ?   ?   ?   A . n 
A 1 15 PRO 15 654 ?   ?   ?   A . n 
A 1 16 ARG 16 655 ?   ?   ?   A . n 
A 1 17 GLY 17 656 ?   ?   ?   A . n 
A 1 18 SER 18 657 ?   ?   ?   A . n 
A 1 19 HIS 19 658 ?   ?   ?   A . n 
A 1 20 MET 20 659 ?   ?   ?   A . n 
A 1 21 PHE 21 660 ?   ?   ?   A . n 
A 1 22 THR 22 661 ?   ?   ?   A . n 
A 1 23 SER 23 662 ?   ?   ?   A . n 
A 1 24 ALA 24 663 ?   ?   ?   A . n 
A 1 25 ASN 25 664 ?   ?   ?   A . n 
A 1 26 CYS 26 665 ?   ?   ?   A . n 
A 1 27 SER 27 666 ?   ?   ?   A . n 
A 1 28 HIS 28 667 ?   ?   ?   A . n 
A 1 29 GLN 29 668 ?   ?   ?   A . n 
A 1 30 VAL 30 669 ?   ?   ?   A . n 
A 1 31 GLN 31 670 ?   ?   ?   A . n 
A 1 32 GLN 32 671 ?   ?   ?   A . n 
A 1 33 GLU 33 672 ?   ?   ?   A . n 
A 1 34 MET 34 673 ?   ?   ?   A . n 
A 1 35 ALA 35 674 674 ALA ALA A . n 
A 1 36 THR 36 675 675 THR THR A . n 
A 1 37 THR 37 676 676 THR THR A . n 
A 1 38 PHE 38 677 677 PHE PHE A . n 
A 1 39 ALA 39 678 678 ALA ALA A . n 
A 1 40 ARG 40 679 679 ARG ARG A . n 
A 1 41 LEU 41 680 680 LEU LEU A . n 
A 1 42 CYS 42 681 681 CYS CYS A . n 
A 1 43 GLN 43 682 682 GLN GLN A . n 
A 1 44 GLN 44 683 683 GLN GLN A . n 
A 1 45 VAL 45 684 684 VAL VAL A . n 
A 1 46 ASP 46 685 685 ASP ASP A . n 
A 1 47 MET 47 686 686 MET MET A . n 
A 1 48 THR 48 687 687 THR THR A . n 
A 1 49 GLN 49 688 688 GLN GLN A . n 
A 1 50 LYS 50 689 689 LYS LYS A . n 
A 1 51 HIS 51 690 690 HIS HIS A . n 
A 1 52 LEU 52 691 691 LEU LEU A . n 
A 1 53 GLU 53 692 692 GLU GLU A . n 
A 1 54 GLU 54 693 693 GLU GLU A . n 
A 1 55 GLU 55 694 694 GLU GLU A . n 
A 1 56 ILE 56 695 695 ILE ILE A . n 
A 1 57 ALA 57 696 696 ALA ALA A . n 
A 1 58 ARG 58 697 697 ARG ARG A . n 
A 1 59 LEU 59 698 698 LEU LEU A . n 
A 1 60 SER 60 699 699 SER SER A . n 
A 1 61 LYS 61 700 700 LYS LYS A . n 
A 1 62 GLU 62 701 701 GLU GLU A . n 
A 1 63 ILE 63 702 702 ILE ILE A . n 
A 1 64 ASP 64 703 703 ASP ASP A . n 
A 1 65 GLN 65 704 704 GLN GLN A . n 
A 1 66 LEU 66 705 705 LEU LEU A . n 
A 1 67 GLU 67 706 706 GLU GLU A . n 
A 1 68 LYS 68 707 707 LYS LYS A . n 
A 1 69 MET 69 708 708 MET MET A . n 
A 1 70 GLN 70 709 709 GLN GLN A . n 
A 1 71 ASN 71 710 710 ASN ASN A . n 
A 1 72 ASN 72 711 711 ASN ASN A . n 
A 1 73 SER 73 712 712 SER SER A . n 
A 1 74 LYS 74 713 713 LYS LYS A . n 
A 1 75 LEU 75 714 714 LEU LEU A . n 
A 1 76 LEU 76 715 715 LEU LEU A . n 
A 1 77 ARG 77 716 716 ARG ARG A . n 
A 1 78 ASN 78 717 717 ASN ASN A . n 
A 1 79 LYS 79 718 718 LYS LYS A . n 
A 1 80 ALA 80 719 719 ALA ALA A . n 
A 1 81 VAL 81 720 720 VAL VAL A . n 
A 1 82 GLN 82 721 721 GLN GLN A . n 
A 1 83 LEU 83 722 722 LEU LEU A . n 
A 1 84 GLU 84 723 723 GLU GLU A . n 
A 1 85 SER 85 724 724 SER SER A . n 
A 1 86 GLU 86 725 725 GLU GLU A . n 
A 1 87 LEU 87 726 726 LEU LEU A . n 
A 1 88 GLU 88 727 727 GLU GLU A . n 
A 1 89 ASN 89 728 728 ASN ASN A . n 
A 1 90 PHE 90 729 729 PHE PHE A . n 
A 1 91 SER 91 730 730 SER SER A . n 
A 1 92 LYS 92 731 731 LYS LYS A . n 
A 1 93 GLN 93 732 732 GLN GLN A . n 
A 1 94 PHE 94 733 733 PHE PHE A . n 
A 1 95 LEU 95 734 734 LEU LEU A . n 
A 1 96 HIS 96 735 735 HIS HIS A . n 
# 
loop_
_pdbx_nonpoly_scheme.asym_id 
_pdbx_nonpoly_scheme.entity_id 
_pdbx_nonpoly_scheme.mon_id 
_pdbx_nonpoly_scheme.ndb_seq_num 
_pdbx_nonpoly_scheme.pdb_seq_num 
_pdbx_nonpoly_scheme.auth_seq_num 
_pdbx_nonpoly_scheme.pdb_mon_id 
_pdbx_nonpoly_scheme.auth_mon_id 
_pdbx_nonpoly_scheme.pdb_strand_id 
_pdbx_nonpoly_scheme.pdb_ins_code 
B 2 HOH 1  1  1  HOH WAT A . 
B 2 HOH 2  2  2  HOH WAT A . 
B 2 HOH 3  3  3  HOH WAT A . 
B 2 HOH 4  4  4  HOH WAT A . 
B 2 HOH 5  5  5  HOH WAT A . 
B 2 HOH 6  6  6  HOH WAT A . 
B 2 HOH 7  7  7  HOH WAT A . 
B 2 HOH 8  8  8  HOH WAT A . 
B 2 HOH 9  9  9  HOH WAT A . 
B 2 HOH 10 10 10 HOH WAT A . 
B 2 HOH 11 11 11 HOH WAT A . 
B 2 HOH 12 12 12 HOH WAT A . 
B 2 HOH 13 13 13 HOH WAT A . 
B 2 HOH 14 14 14 HOH WAT A . 
B 2 HOH 15 15 15 HOH WAT A . 
B 2 HOH 16 16 16 HOH WAT A . 
B 2 HOH 17 17 17 HOH WAT A . 
B 2 HOH 18 18 18 HOH WAT A . 
B 2 HOH 19 19 19 HOH WAT A . 
B 2 HOH 20 20 20 HOH WAT A . 
B 2 HOH 21 21 21 HOH WAT A . 
B 2 HOH 22 22 22 HOH WAT A . 
B 2 HOH 23 23 23 HOH WAT A . 
B 2 HOH 24 24 24 HOH WAT A . 
B 2 HOH 25 25 25 HOH WAT A . 
B 2 HOH 26 26 26 HOH WAT A . 
B 2 HOH 27 27 27 HOH WAT A . 
B 2 HOH 28 28 28 HOH WAT A . 
B 2 HOH 29 29 29 HOH WAT A . 
B 2 HOH 30 30 30 HOH WAT A . 
B 2 HOH 31 31 31 HOH WAT A . 
B 2 HOH 32 32 32 HOH WAT A . 
B 2 HOH 33 33 33 HOH WAT A . 
# 
loop_
_software.name 
_software.version 
_software.date 
_software.type 
_software.contact_author 
_software.contact_author_email 
_software.location 
_software.classification 
_software.language 
_software.citation_id 
_software.pdbx_ordinal 
CNS       1.1 1998 package 'Axel T. Brunger' axel.brunger@yale.edu . refinement       Fortran ? 1 
DENZO     .   ?    ?       ?                 ?                     ? 'data reduction' ?       ? 2 
SCALEPACK .   ?    ?       ?                 ?                     ? 'data scaling'   ?       ? 3 
MLPHARE   .   ?    ?       ?                 ?                     ? phasing          ?       ? 4 
# 
_cell.entry_id           1T3J 
_cell.length_a           162.830 
_cell.length_b           162.830 
_cell.length_c           162.830 
_cell.angle_alpha        90.00 
_cell.angle_beta         90.00 
_cell.angle_gamma        90.00 
_cell.pdbx_unique_axis   ? 
_cell.Z_PDB              96 
# 
_symmetry.entry_id                         1T3J 
_symmetry.space_group_name_H-M             'F 41 3 2' 
_symmetry.pdbx_full_space_group_name_H-M   ? 
_symmetry.Int_Tables_number                210 
_symmetry.cell_setting                     ? 
_symmetry.space_group_name_Hall            ? 
# 
_exptl.entry_id          1T3J 
_exptl.crystals_number   1 
_exptl.method            'X-RAY DIFFRACTION' 
# 
_exptl_crystal.id                    1 
_exptl_crystal.density_meas          ? 
_exptl_crystal.density_percent_sol   68 
_exptl_crystal.density_Matthews      4.09 
_exptl_crystal.description           ? 
_exptl_crystal.F_000                 ? 
_exptl_crystal.preparation           ? 
# 
_exptl_crystal_grow.crystal_id      1 
_exptl_crystal_grow.method          'VAPOR DIFFUSION, SITTING DROP' 
_exptl_crystal_grow.pH              7.7 
_exptl_crystal_grow.temp            290 
_exptl_crystal_grow.temp_details    ? 
_exptl_crystal_grow.pdbx_details    
'Isopropanol, TRIS, Ammonium Acetate, PEG 200, pH 7.7, VAPOR DIFFUSION, SITTING DROP, temperature 295K, temperature 290K' 
_exptl_crystal_grow.pdbx_pH_range   . 
# 
_diffrn.id                     1 
_diffrn.ambient_temp           100 
_diffrn.ambient_temp_details   ? 
_diffrn.crystal_id             1 
# 
_diffrn_detector.diffrn_id              1 
_diffrn_detector.detector               CCD 
_diffrn_detector.type                   'ADSC QUANTUM 210' 
_diffrn_detector.pdbx_collection_date   2004-01-22 
_diffrn_detector.details                ? 
# 
_diffrn_radiation.diffrn_id                        1 
_diffrn_radiation.wavelength_id                    1 
_diffrn_radiation.pdbx_diffrn_protocol             MAD 
_diffrn_radiation.monochromator                    'Si(111) double crystal' 
_diffrn_radiation.pdbx_monochromatic_or_laue_m_l   M 
_diffrn_radiation.pdbx_scattering_type             x-ray 
# 
loop_
_diffrn_radiation_wavelength.id 
_diffrn_radiation_wavelength.wavelength 
_diffrn_radiation_wavelength.wt 
1 0.9795 1.0 
2 0.9797 1.0 
3 0.9641 1.0 
4 0.9800 1.0 
# 
_diffrn_source.diffrn_id                   1 
_diffrn_source.source                      SYNCHROTRON 
_diffrn_source.type                        'ALS BEAMLINE 8.2.1' 
_diffrn_source.pdbx_wavelength             ? 
_diffrn_source.pdbx_wavelength_list        '0.9795, 0.9797, 0.9641, 0.9800' 
_diffrn_source.pdbx_synchrotron_site       ALS 
_diffrn_source.pdbx_synchrotron_beamline   8.2.1 
# 
_reflns.entry_id                     1T3J 
_reflns.d_resolution_high            2.50 
_reflns.d_resolution_low             27.52 
_reflns.limit_h_max                  65 
_reflns.limit_h_min                  5 
_reflns.limit_k_max                  46 
_reflns.limit_k_min                  5 
_reflns.limit_l_max                  37 
_reflns.limit_l_min                  0 
_reflns.number_all                   6772 
_reflns.observed_criterion_sigma_F   0.0 
_reflns.observed_criterion_F_max     2907765.71 
_reflns.observed_criterion_F_min     14.900000 
_reflns.B_iso_Wilson_estimate        44.1 
_reflns.observed_criterion_sigma_I   0.0 
_reflns.number_obs                   6772 
_reflns.percent_possible_obs         99.5 
_reflns.pdbx_Rmerge_I_obs            0.079 
_reflns.pdbx_Rsym_value              0.079 
_reflns.pdbx_netI_over_sigmaI        25.2 
_reflns.pdbx_redundancy              10.5 
_reflns.R_free_details               ? 
_reflns.pdbx_chi_squared             ? 
_reflns.pdbx_scaling_rejects         ? 
_reflns.pdbx_ordinal                 1 
_reflns.pdbx_diffrn_id               1 
# 
_reflns_shell.d_res_high             2.50 
_reflns_shell.d_res_low              2.54 
_reflns_shell.percent_possible_obs   ? 
_reflns_shell.percent_possible_all   99.2 
_reflns_shell.Rmerge_I_obs           0.463 
_reflns_shell.meanI_over_sigI_obs    5.6 
_reflns_shell.pdbx_Rsym_value        0.463 
_reflns_shell.pdbx_redundancy        ? 
_reflns_shell.number_unique_all      319 
_reflns_shell.number_measured_all    ? 
_reflns_shell.number_measured_obs    ? 
_reflns_shell.number_unique_obs      ? 
_reflns_shell.pdbx_chi_squared       ? 
_reflns_shell.pdbx_ordinal           1 
_reflns_shell.pdbx_diffrn_id         1 
# 
_refine.entry_id                                 1T3J 
_refine.ls_number_reflns_all                     6772 
_refine.ls_number_reflns_obs                     6772 
_refine.ls_percent_reflns_obs                    99.5 
_refine.ls_d_res_high                            2.50 
_refine.ls_d_res_low                             14.86 
_refine.B_iso_min                                26.39 
_refine.B_iso_max                                99.67 
_refine.B_iso_mean                               52.81 
_refine.occupancy_min                            1.00 
_refine.occupancy_max                            1.00 
_refine.solvent_model_param_bsol                 52.5258 
_refine.solvent_model_param_ksol                 0.388799 
_refine.solvent_model_details                    'bulk solvent' 
_refine.ls_R_factor_R_work                       0.241 
_refine.ls_R_factor_R_free                       0.286 
_refine.ls_R_factor_R_free_error                 0.011 
_refine.ls_number_reflns_R_free                  669 
_refine.ls_percent_reflns_R_free                 9.9 
_refine.details                                  ? 
_refine.pdbx_ls_sigma_F                          0.0 
_refine.pdbx_ls_sigma_I                          ? 
_refine.ls_R_factor_all                          ? 
_refine.ls_R_factor_obs                          ? 
_refine.ls_redundancy_reflns_obs                 ? 
_refine.pdbx_data_cutoff_high_absF               ? 
_refine.pdbx_data_cutoff_low_absF                ? 
_refine.ls_number_parameters                     ? 
_refine.ls_number_restraints                     ? 
_refine.ls_R_factor_R_free_error_details         ? 
_refine.pdbx_method_to_determine_struct          MAD 
_refine.pdbx_starting_model                      ? 
_refine.pdbx_ls_cross_valid_method               THROUGHOUT 
_refine.pdbx_R_Free_selection_details            random 
_refine.pdbx_stereochem_target_val_spec_case     ? 
_refine.pdbx_stereochemistry_target_values       'Engh & Huber' 
_refine.pdbx_isotropic_thermal_model             isotropic 
_refine.aniso_B[1][1]                            ? 
_refine.aniso_B[1][2]                            ? 
_refine.aniso_B[1][3]                            ? 
_refine.aniso_B[2][2]                            ? 
_refine.aniso_B[2][3]                            ? 
_refine.aniso_B[3][3]                            ? 
_refine.correlation_coeff_Fo_to_Fc               ? 
_refine.correlation_coeff_Fo_to_Fc_free          ? 
_refine.pdbx_solvent_vdw_probe_radii             ? 
_refine.pdbx_solvent_ion_probe_radii             ? 
_refine.pdbx_solvent_shrinkage_radii             ? 
_refine.overall_SU_R_Cruickshank_DPI             ? 
_refine.overall_SU_R_free                        ? 
_refine.overall_SU_B                             ? 
_refine.overall_SU_ML                            ? 
_refine.pdbx_overall_ESU_R                       ? 
_refine.pdbx_overall_ESU_R_Free                  ? 
_refine.pdbx_data_cutoff_high_rms_absF           ? 
_refine.ls_wR_factor_R_free                      ? 
_refine.ls_wR_factor_R_work                      ? 
_refine.overall_FOM_free_R_set                   ? 
_refine.overall_FOM_work_R_set                   ? 
_refine.pdbx_refine_id                           'X-RAY DIFFRACTION' 
_refine.pdbx_diffrn_id                           1 
_refine.pdbx_TLS_residual_ADP_flag               ? 
_refine.pdbx_overall_phase_error                 ? 
_refine.pdbx_overall_SU_R_free_Cruickshank_DPI   ? 
_refine.pdbx_overall_SU_R_Blow_DPI               ? 
_refine.pdbx_overall_SU_R_free_Blow_DPI          ? 
# 
_refine_analyze.entry_id                        1T3J 
_refine_analyze.Luzzati_d_res_low_obs           5.00 
_refine_analyze.pdbx_Luzzati_d_res_high_obs     2.50 
_refine_analyze.Luzzati_coordinate_error_obs    0.33 
_refine_analyze.Luzzati_sigma_a_obs             0.36 
_refine_analyze.Luzzati_coordinate_error_free   0.39 
_refine_analyze.Luzzati_sigma_a_free            0.50 
_refine_analyze.Luzzati_d_res_low_free          ? 
_refine_analyze.number_disordered_residues      ? 
_refine_analyze.occupancy_sum_non_hydrogen      ? 
_refine_analyze.occupancy_sum_hydrogen          ? 
_refine_analyze.pdbx_refine_id                  'X-RAY DIFFRACTION' 
# 
_refine_hist.pdbx_refine_id                   'X-RAY DIFFRACTION' 
_refine_hist.cycle_id                         LAST 
_refine_hist.pdbx_number_atoms_protein        513 
_refine_hist.pdbx_number_atoms_nucleic_acid   0 
_refine_hist.pdbx_number_atoms_ligand         0 
_refine_hist.number_atoms_solvent             33 
_refine_hist.number_atoms_total               546 
_refine_hist.d_res_high                       2.50 
_refine_hist.d_res_low                        14.86 
# 
loop_
_refine_ls_restr.type 
_refine_ls_restr.dev_ideal 
_refine_ls_restr.dev_ideal_target 
_refine_ls_restr.number 
_refine_ls_restr.weight 
_refine_ls_restr.pdbx_refine_id 
_refine_ls_restr.pdbx_restraint_function 
x_bond_d           0.010 . ? ? 'X-RAY DIFFRACTION' ? 
x_angle_deg        1.2   . ? ? 'X-RAY DIFFRACTION' ? 
x_torsion_deg      17.1  . ? ? 'X-RAY DIFFRACTION' ? 
x_torsion_impr_deg 0.77  . ? ? 'X-RAY DIFFRACTION' ? 
# 
loop_
_refine_ls_shell.d_res_high 
_refine_ls_shell.d_res_low 
_refine_ls_shell.number_reflns_all 
_refine_ls_shell.number_reflns_obs 
_refine_ls_shell.number_reflns_R_work 
_refine_ls_shell.percent_reflns_obs 
_refine_ls_shell.R_factor_R_work 
_refine_ls_shell.R_factor_R_free 
_refine_ls_shell.R_factor_R_free_error 
_refine_ls_shell.number_reflns_R_free 
_refine_ls_shell.percent_reflns_R_free 
_refine_ls_shell.pdbx_total_number_of_bins_used 
_refine_ls_shell.redundancy_reflns_obs 
_refine_ls_shell.pdbx_refine_id 
_refine_ls_shell.R_factor_all 
2.50 2.61  813 813 743 100.0 0.324 0.397 0.047 70  8.6  8 . 'X-RAY DIFFRACTION' . 
2.61 2.75  818 815 740 99.6  0.306 0.377 0.044 75  9.2  8 . 'X-RAY DIFFRACTION' . 
2.75 2.92  829 829 749 100.0 0.277 0.288 0.032 80  9.7  8 . 'X-RAY DIFFRACTION' . 
2.92 3.15  831 831 739 100.0 0.241 0.266 0.028 92  11.1 8 . 'X-RAY DIFFRACTION' . 
3.15 3.46  838 836 753 99.8  0.24  0.315 0.035 83  9.9  8 . 'X-RAY DIFFRACTION' . 
3.46 3.95  854 853 771 99.9  0.206 0.254 0.028 82  9.6  8 . 'X-RAY DIFFRACTION' . 
3.95 4.95  857 857 774 100.0 0.206 0.25  0.027 83  9.7  8 . 'X-RAY DIFFRACTION' . 
4.95 14.86 939 910 806 96.8  0.262 0.299 0.029 104 11.4 8 . 'X-RAY DIFFRACTION' . 
# 
loop_
_pdbx_xplor_file.serial_no 
_pdbx_xplor_file.param_file 
_pdbx_xplor_file.topol_file 
_pdbx_xplor_file.pdbx_refine_id 
1 protein_rep.param protein.top 'X-RAY DIFFRACTION' 
2 water_rep.param   water.top   'X-RAY DIFFRACTION' 
# 
_struct.entry_id                  1T3J 
_struct.title                     'Mitofusin domain HR2 V686M/I708M mutant' 
_struct.pdbx_model_details        ? 
_struct.pdbx_CASP_flag            ? 
_struct.pdbx_model_type_details   ? 
# 
_struct_keywords.entry_id        1T3J 
_struct_keywords.pdbx_keywords   'MEMBRANE PROTEIN' 
_struct_keywords.text            'coiled coil antiparallel, dimer, MEMBRANE PROTEIN' 
# 
loop_
_struct_asym.id 
_struct_asym.pdbx_blank_PDB_chainid_flag 
_struct_asym.pdbx_modified 
_struct_asym.entity_id 
_struct_asym.details 
A N N 1 ? 
B N N 2 ? 
# 
_struct_ref.id                         1 
_struct_ref.db_name                    UNP 
_struct_ref.db_code                    MFN1_MOUSE 
_struct_ref.pdbx_db_accession          Q811U4 
_struct_ref.entity_id                  1 
_struct_ref.pdbx_seq_one_letter_code   FTSANCSHQVQQEMATTFARLCQQVDVTQKHLEEEIARLSKEIDQLEKIQNNSKLLRNKAVQLESELENFSKQFLH 
_struct_ref.pdbx_align_begin           660 
_struct_ref.pdbx_db_isoform            ? 
# 
_struct_ref_seq.align_id                      1 
_struct_ref_seq.ref_id                        1 
_struct_ref_seq.pdbx_PDB_id_code              1T3J 
_struct_ref_seq.pdbx_strand_id                A 
_struct_ref_seq.seq_align_beg                 21 
_struct_ref_seq.pdbx_seq_align_beg_ins_code   ? 
_struct_ref_seq.seq_align_end                 96 
_struct_ref_seq.pdbx_seq_align_end_ins_code   ? 
_struct_ref_seq.pdbx_db_accession             Q811U4 
_struct_ref_seq.db_align_beg                  660 
_struct_ref_seq.pdbx_db_align_beg_ins_code    ? 
_struct_ref_seq.db_align_end                  735 
_struct_ref_seq.pdbx_db_align_end_ins_code    ? 
_struct_ref_seq.pdbx_auth_seq_align_beg       660 
_struct_ref_seq.pdbx_auth_seq_align_end       735 
# 
loop_
_struct_ref_seq_dif.align_id 
_struct_ref_seq_dif.pdbx_pdb_id_code 
_struct_ref_seq_dif.mon_id 
_struct_ref_seq_dif.pdbx_pdb_strand_id 
_struct_ref_seq_dif.seq_num 
_struct_ref_seq_dif.pdbx_pdb_ins_code 
_struct_ref_seq_dif.pdbx_seq_db_name 
_struct_ref_seq_dif.pdbx_seq_db_accession_code 
_struct_ref_seq_dif.db_mon_id 
_struct_ref_seq_dif.pdbx_seq_db_seq_num 
_struct_ref_seq_dif.details 
_struct_ref_seq_dif.pdbx_auth_seq_num 
_struct_ref_seq_dif.pdbx_ordinal 
1 1T3J GLY A 1  ? UNP Q811U4 ?   ?   'cloning artifact'    640 1  
1 1T3J SER A 2  ? UNP Q811U4 ?   ?   'cloning artifact'    641 2  
1 1T3J SER A 3  ? UNP Q811U4 ?   ?   'cloning artifact'    642 3  
1 1T3J HIS A 4  ? UNP Q811U4 ?   ?   'cloning artifact'    643 4  
1 1T3J HIS A 5  ? UNP Q811U4 ?   ?   'cloning artifact'    644 5  
1 1T3J HIS A 6  ? UNP Q811U4 ?   ?   'cloning artifact'    645 6  
1 1T3J HIS A 7  ? UNP Q811U4 ?   ?   'cloning artifact'    646 7  
1 1T3J HIS A 8  ? UNP Q811U4 ?   ?   'cloning artifact'    647 8  
1 1T3J HIS A 9  ? UNP Q811U4 ?   ?   'cloning artifact'    648 9  
1 1T3J SER A 10 ? UNP Q811U4 ?   ?   'cloning artifact'    649 10 
1 1T3J SER A 11 ? UNP Q811U4 ?   ?   'cloning artifact'    650 11 
1 1T3J GLY A 12 ? UNP Q811U4 ?   ?   'cloning artifact'    651 12 
1 1T3J LEU A 13 ? UNP Q811U4 ?   ?   'cloning artifact'    652 13 
1 1T3J VAL A 14 ? UNP Q811U4 ?   ?   'cloning artifact'    653 14 
1 1T3J PRO A 15 ? UNP Q811U4 ?   ?   'cloning artifact'    654 15 
1 1T3J ARG A 16 ? UNP Q811U4 ?   ?   'cloning artifact'    655 16 
1 1T3J GLY A 17 ? UNP Q811U4 ?   ?   'cloning artifact'    656 17 
1 1T3J SER A 18 ? UNP Q811U4 ?   ?   'cloning artifact'    657 18 
1 1T3J HIS A 19 ? UNP Q811U4 ?   ?   'cloning artifact'    658 19 
1 1T3J MET A 20 ? UNP Q811U4 ?   ?   'cloning artifact'    659 20 
1 1T3J MET A 47 ? UNP Q811U4 VAL 686 'engineered mutation' 686 21 
1 1T3J MET A 69 ? UNP Q811U4 ILE 708 'engineered mutation' 708 22 
# 
_pdbx_struct_assembly.id                   1 
_pdbx_struct_assembly.details              author_and_software_defined_assembly 
_pdbx_struct_assembly.method_details       PISA,PQS 
_pdbx_struct_assembly.oligomeric_details   dimeric 
_pdbx_struct_assembly.oligomeric_count     2 
# 
loop_
_pdbx_struct_assembly_prop.biol_id 
_pdbx_struct_assembly_prop.type 
_pdbx_struct_assembly_prop.value 
_pdbx_struct_assembly_prop.details 
1 'ABSA (A^2)' 2890 ? 
1 MORE         -30  ? 
1 'SSA (A^2)'  9360 ? 
# 
_pdbx_struct_assembly_gen.assembly_id       1 
_pdbx_struct_assembly_gen.oper_expression   1,2 
_pdbx_struct_assembly_gen.asym_id_list      A,B 
# 
loop_
_pdbx_struct_oper_list.id 
_pdbx_struct_oper_list.type 
_pdbx_struct_oper_list.name 
_pdbx_struct_oper_list.symmetry_operation 
_pdbx_struct_oper_list.matrix[1][1] 
_pdbx_struct_oper_list.matrix[1][2] 
_pdbx_struct_oper_list.matrix[1][3] 
_pdbx_struct_oper_list.vector[1] 
_pdbx_struct_oper_list.matrix[2][1] 
_pdbx_struct_oper_list.matrix[2][2] 
_pdbx_struct_oper_list.matrix[2][3] 
_pdbx_struct_oper_list.vector[2] 
_pdbx_struct_oper_list.matrix[3][1] 
_pdbx_struct_oper_list.matrix[3][2] 
_pdbx_struct_oper_list.matrix[3][3] 
_pdbx_struct_oper_list.vector[3] 
1 'identity operation'         1_555  x,y,z                1.0000000000  0.0000000000 0.0000000000  0.0000000000 0.0000000000 1.0000000000  0.0000000000  0.0000000000  0.0000000000  0.0000000000  1.0000000000  0.0000000000 
2 'crystal symmetry operation' 19_655 -x+5/4,-z+1/4,-y+1/4 -0.3631814763 0.4875074804 -0.7939997933 5.9710383546 0.4875074804 -0.6267954926 -0.6078353947 -0.9128647995 -0.7939997933 -0.6078353947 -0.0100230311 4.2285142133 
# 
_struct_biol.id                    1 
_struct_biol.details               'The second part of the dimer is generated by the twofold axis: -X+1/4, -Z+1/4, -Y+1/4' 
_struct_biol.pdbx_parent_biol_id   ? 
# 
_struct_conf.conf_type_id            HELX_P 
_struct_conf.id                      HELX_P1 
_struct_conf.pdbx_PDB_helix_id       1 
_struct_conf.beg_label_comp_id       THR 
_struct_conf.beg_label_asym_id       A 
_struct_conf.beg_label_seq_id        36 
_struct_conf.pdbx_beg_PDB_ins_code   ? 
_struct_conf.end_label_comp_id       LEU 
_struct_conf.end_label_asym_id       A 
_struct_conf.end_label_seq_id        95 
_struct_conf.pdbx_end_PDB_ins_code   ? 
_struct_conf.beg_auth_comp_id        THR 
_struct_conf.beg_auth_asym_id        A 
_struct_conf.beg_auth_seq_id         675 
_struct_conf.end_auth_comp_id        LEU 
_struct_conf.end_auth_asym_id        A 
_struct_conf.end_auth_seq_id         734 
_struct_conf.pdbx_PDB_helix_class    1 
_struct_conf.details                 ? 
_struct_conf.pdbx_PDB_helix_length   60 
# 
_struct_conf_type.id          HELX_P 
_struct_conf_type.criteria    ? 
_struct_conf_type.reference   ? 
# 
loop_
_pdbx_unobs_or_zero_occ_residues.id 
_pdbx_unobs_or_zero_occ_residues.PDB_model_num 
_pdbx_unobs_or_zero_occ_residues.polymer_flag 
_pdbx_unobs_or_zero_occ_residues.occupancy_flag 
_pdbx_unobs_or_zero_occ_residues.auth_asym_id 
_pdbx_unobs_or_zero_occ_residues.auth_comp_id 
_pdbx_unobs_or_zero_occ_residues.auth_seq_id 
_pdbx_unobs_or_zero_occ_residues.PDB_ins_code 
_pdbx_unobs_or_zero_occ_residues.label_asym_id 
_pdbx_unobs_or_zero_occ_residues.label_comp_id 
_pdbx_unobs_or_zero_occ_residues.label_seq_id 
1  1 Y 1 A GLY 640 ? A GLY 1  
2  1 Y 1 A SER 641 ? A SER 2  
3  1 Y 1 A SER 642 ? A SER 3  
4  1 Y 1 A HIS 643 ? A HIS 4  
5  1 Y 1 A HIS 644 ? A HIS 5  
6  1 Y 1 A HIS 645 ? A HIS 6  
7  1 Y 1 A HIS 646 ? A HIS 7  
8  1 Y 1 A HIS 647 ? A HIS 8  
9  1 Y 1 A HIS 648 ? A HIS 9  
10 1 Y 1 A SER 649 ? A SER 10 
11 1 Y 1 A SER 650 ? A SER 11 
12 1 Y 1 A GLY 651 ? A GLY 12 
13 1 Y 1 A LEU 652 ? A LEU 13 
14 1 Y 1 A VAL 653 ? A VAL 14 
15 1 Y 1 A PRO 654 ? A PRO 15 
16 1 Y 1 A ARG 655 ? A ARG 16 
17 1 Y 1 A GLY 656 ? A GLY 17 
18 1 Y 1 A SER 657 ? A SER 18 
19 1 Y 1 A HIS 658 ? A HIS 19 
20 1 Y 1 A MET 659 ? A MET 20 
21 1 Y 1 A PHE 660 ? A PHE 21 
22 1 Y 1 A THR 661 ? A THR 22 
23 1 Y 1 A SER 662 ? A SER 23 
24 1 Y 1 A ALA 663 ? A ALA 24 
25 1 Y 1 A ASN 664 ? A ASN 25 
26 1 Y 1 A CYS 665 ? A CYS 26 
27 1 Y 1 A SER 666 ? A SER 27 
28 1 Y 1 A HIS 667 ? A HIS 28 
29 1 Y 1 A GLN 668 ? A GLN 29 
30 1 Y 1 A VAL 669 ? A VAL 30 
31 1 Y 1 A GLN 670 ? A GLN 31 
32 1 Y 1 A GLN 671 ? A GLN 32 
33 1 Y 1 A GLU 672 ? A GLU 33 
34 1 Y 1 A MET 673 ? A MET 34 
# 
loop_
_chem_comp_atom.comp_id 
_chem_comp_atom.atom_id 
_chem_comp_atom.type_symbol 
_chem_comp_atom.pdbx_aromatic_flag 
_chem_comp_atom.pdbx_stereo_config 
_chem_comp_atom.pdbx_ordinal 
ALA N    N N N 1   
ALA CA   C N S 2   
ALA C    C N N 3   
ALA O    O N N 4   
ALA CB   C N N 5   
ALA OXT  O N N 6   
ALA H    H N N 7   
ALA H2   H N N 8   
ALA HA   H N N 9   
ALA HB1  H N N 10  
ALA HB2  H N N 11  
ALA HB3  H N N 12  
ALA HXT  H N N 13  
ARG N    N N N 14  
ARG CA   C N S 15  
ARG C    C N N 16  
ARG O    O N N 17  
ARG CB   C N N 18  
ARG CG   C N N 19  
ARG CD   C N N 20  
ARG NE   N N N 21  
ARG CZ   C N N 22  
ARG NH1  N N N 23  
ARG NH2  N N N 24  
ARG OXT  O N N 25  
ARG H    H N N 26  
ARG H2   H N N 27  
ARG HA   H N N 28  
ARG HB2  H N N 29  
ARG HB3  H N N 30  
ARG HG2  H N N 31  
ARG HG3  H N N 32  
ARG HD2  H N N 33  
ARG HD3  H N N 34  
ARG HE   H N N 35  
ARG HH11 H N N 36  
ARG HH12 H N N 37  
ARG HH21 H N N 38  
ARG HH22 H N N 39  
ARG HXT  H N N 40  
ASN N    N N N 41  
ASN CA   C N S 42  
ASN C    C N N 43  
ASN O    O N N 44  
ASN CB   C N N 45  
ASN CG   C N N 46  
ASN OD1  O N N 47  
ASN ND2  N N N 48  
ASN OXT  O N N 49  
ASN H    H N N 50  
ASN H2   H N N 51  
ASN HA   H N N 52  
ASN HB2  H N N 53  
ASN HB3  H N N 54  
ASN HD21 H N N 55  
ASN HD22 H N N 56  
ASN HXT  H N N 57  
ASP N    N N N 58  
ASP CA   C N S 59  
ASP C    C N N 60  
ASP O    O N N 61  
ASP CB   C N N 62  
ASP CG   C N N 63  
ASP OD1  O N N 64  
ASP OD2  O N N 65  
ASP OXT  O N N 66  
ASP H    H N N 67  
ASP H2   H N N 68  
ASP HA   H N N 69  
ASP HB2  H N N 70  
ASP HB3  H N N 71  
ASP HD2  H N N 72  
ASP HXT  H N N 73  
CYS N    N N N 74  
CYS CA   C N R 75  
CYS C    C N N 76  
CYS O    O N N 77  
CYS CB   C N N 78  
CYS SG   S N N 79  
CYS OXT  O N N 80  
CYS H    H N N 81  
CYS H2   H N N 82  
CYS HA   H N N 83  
CYS HB2  H N N 84  
CYS HB3  H N N 85  
CYS HG   H N N 86  
CYS HXT  H N N 87  
GLN N    N N N 88  
GLN CA   C N S 89  
GLN C    C N N 90  
GLN O    O N N 91  
GLN CB   C N N 92  
GLN CG   C N N 93  
GLN CD   C N N 94  
GLN OE1  O N N 95  
GLN NE2  N N N 96  
GLN OXT  O N N 97  
GLN H    H N N 98  
GLN H2   H N N 99  
GLN HA   H N N 100 
GLN HB2  H N N 101 
GLN HB3  H N N 102 
GLN HG2  H N N 103 
GLN HG3  H N N 104 
GLN HE21 H N N 105 
GLN HE22 H N N 106 
GLN HXT  H N N 107 
GLU N    N N N 108 
GLU CA   C N S 109 
GLU C    C N N 110 
GLU O    O N N 111 
GLU CB   C N N 112 
GLU CG   C N N 113 
GLU CD   C N N 114 
GLU OE1  O N N 115 
GLU OE2  O N N 116 
GLU OXT  O N N 117 
GLU H    H N N 118 
GLU H2   H N N 119 
GLU HA   H N N 120 
GLU HB2  H N N 121 
GLU HB3  H N N 122 
GLU HG2  H N N 123 
GLU HG3  H N N 124 
GLU HE2  H N N 125 
GLU HXT  H N N 126 
GLY N    N N N 127 
GLY CA   C N N 128 
GLY C    C N N 129 
GLY O    O N N 130 
GLY OXT  O N N 131 
GLY H    H N N 132 
GLY H2   H N N 133 
GLY HA2  H N N 134 
GLY HA3  H N N 135 
GLY HXT  H N N 136 
HIS N    N N N 137 
HIS CA   C N S 138 
HIS C    C N N 139 
HIS O    O N N 140 
HIS CB   C N N 141 
HIS CG   C Y N 142 
HIS ND1  N Y N 143 
HIS CD2  C Y N 144 
HIS CE1  C Y N 145 
HIS NE2  N Y N 146 
HIS OXT  O N N 147 
HIS H    H N N 148 
HIS H2   H N N 149 
HIS HA   H N N 150 
HIS HB2  H N N 151 
HIS HB3  H N N 152 
HIS HD1  H N N 153 
HIS HD2  H N N 154 
HIS HE1  H N N 155 
HIS HE2  H N N 156 
HIS HXT  H N N 157 
HOH O    O N N 158 
HOH H1   H N N 159 
HOH H2   H N N 160 
ILE N    N N N 161 
ILE CA   C N S 162 
ILE C    C N N 163 
ILE O    O N N 164 
ILE CB   C N S 165 
ILE CG1  C N N 166 
ILE CG2  C N N 167 
ILE CD1  C N N 168 
ILE OXT  O N N 169 
ILE H    H N N 170 
ILE H2   H N N 171 
ILE HA   H N N 172 
ILE HB   H N N 173 
ILE HG12 H N N 174 
ILE HG13 H N N 175 
ILE HG21 H N N 176 
ILE HG22 H N N 177 
ILE HG23 H N N 178 
ILE HD11 H N N 179 
ILE HD12 H N N 180 
ILE HD13 H N N 181 
ILE HXT  H N N 182 
LEU N    N N N 183 
LEU CA   C N S 184 
LEU C    C N N 185 
LEU O    O N N 186 
LEU CB   C N N 187 
LEU CG   C N N 188 
LEU CD1  C N N 189 
LEU CD2  C N N 190 
LEU OXT  O N N 191 
LEU H    H N N 192 
LEU H2   H N N 193 
LEU HA   H N N 194 
LEU HB2  H N N 195 
LEU HB3  H N N 196 
LEU HG   H N N 197 
LEU HD11 H N N 198 
LEU HD12 H N N 199 
LEU HD13 H N N 200 
LEU HD21 H N N 201 
LEU HD22 H N N 202 
LEU HD23 H N N 203 
LEU HXT  H N N 204 
LYS N    N N N 205 
LYS CA   C N S 206 
LYS C    C N N 207 
LYS O    O N N 208 
LYS CB   C N N 209 
LYS CG   C N N 210 
LYS CD   C N N 211 
LYS CE   C N N 212 
LYS NZ   N N N 213 
LYS OXT  O N N 214 
LYS H    H N N 215 
LYS H2   H N N 216 
LYS HA   H N N 217 
LYS HB2  H N N 218 
LYS HB3  H N N 219 
LYS HG2  H N N 220 
LYS HG3  H N N 221 
LYS HD2  H N N 222 
LYS HD3  H N N 223 
LYS HE2  H N N 224 
LYS HE3  H N N 225 
LYS HZ1  H N N 226 
LYS HZ2  H N N 227 
LYS HZ3  H N N 228 
LYS HXT  H N N 229 
MET N    N N N 230 
MET CA   C N S 231 
MET C    C N N 232 
MET O    O N N 233 
MET CB   C N N 234 
MET CG   C N N 235 
MET SD   S N N 236 
MET CE   C N N 237 
MET OXT  O N N 238 
MET H    H N N 239 
MET H2   H N N 240 
MET HA   H N N 241 
MET HB2  H N N 242 
MET HB3  H N N 243 
MET HG2  H N N 244 
MET HG3  H N N 245 
MET HE1  H N N 246 
MET HE2  H N N 247 
MET HE3  H N N 248 
MET HXT  H N N 249 
PHE N    N N N 250 
PHE CA   C N S 251 
PHE C    C N N 252 
PHE O    O N N 253 
PHE CB   C N N 254 
PHE CG   C Y N 255 
PHE CD1  C Y N 256 
PHE CD2  C Y N 257 
PHE CE1  C Y N 258 
PHE CE2  C Y N 259 
PHE CZ   C Y N 260 
PHE OXT  O N N 261 
PHE H    H N N 262 
PHE H2   H N N 263 
PHE HA   H N N 264 
PHE HB2  H N N 265 
PHE HB3  H N N 266 
PHE HD1  H N N 267 
PHE HD2  H N N 268 
PHE HE1  H N N 269 
PHE HE2  H N N 270 
PHE HZ   H N N 271 
PHE HXT  H N N 272 
PRO N    N N N 273 
PRO CA   C N S 274 
PRO C    C N N 275 
PRO O    O N N 276 
PRO CB   C N N 277 
PRO CG   C N N 278 
PRO CD   C N N 279 
PRO OXT  O N N 280 
PRO H    H N N 281 
PRO HA   H N N 282 
PRO HB2  H N N 283 
PRO HB3  H N N 284 
PRO HG2  H N N 285 
PRO HG3  H N N 286 
PRO HD2  H N N 287 
PRO HD3  H N N 288 
PRO HXT  H N N 289 
SER N    N N N 290 
SER CA   C N S 291 
SER C    C N N 292 
SER O    O N N 293 
SER CB   C N N 294 
SER OG   O N N 295 
SER OXT  O N N 296 
SER H    H N N 297 
SER H2   H N N 298 
SER HA   H N N 299 
SER HB2  H N N 300 
SER HB3  H N N 301 
SER HG   H N N 302 
SER HXT  H N N 303 
THR N    N N N 304 
THR CA   C N S 305 
THR C    C N N 306 
THR O    O N N 307 
THR CB   C N R 308 
THR OG1  O N N 309 
THR CG2  C N N 310 
THR OXT  O N N 311 
THR H    H N N 312 
THR H2   H N N 313 
THR HA   H N N 314 
THR HB   H N N 315 
THR HG1  H N N 316 
THR HG21 H N N 317 
THR HG22 H N N 318 
THR HG23 H N N 319 
THR HXT  H N N 320 
VAL N    N N N 321 
VAL CA   C N S 322 
VAL C    C N N 323 
VAL O    O N N 324 
VAL CB   C N N 325 
VAL CG1  C N N 326 
VAL CG2  C N N 327 
VAL OXT  O N N 328 
VAL H    H N N 329 
VAL H2   H N N 330 
VAL HA   H N N 331 
VAL HB   H N N 332 
VAL HG11 H N N 333 
VAL HG12 H N N 334 
VAL HG13 H N N 335 
VAL HG21 H N N 336 
VAL HG22 H N N 337 
VAL HG23 H N N 338 
VAL HXT  H N N 339 
# 
loop_
_chem_comp_bond.comp_id 
_chem_comp_bond.atom_id_1 
_chem_comp_bond.atom_id_2 
_chem_comp_bond.value_order 
_chem_comp_bond.pdbx_aromatic_flag 
_chem_comp_bond.pdbx_stereo_config 
_chem_comp_bond.pdbx_ordinal 
ALA N   CA   sing N N 1   
ALA N   H    sing N N 2   
ALA N   H2   sing N N 3   
ALA CA  C    sing N N 4   
ALA CA  CB   sing N N 5   
ALA CA  HA   sing N N 6   
ALA C   O    doub N N 7   
ALA C   OXT  sing N N 8   
ALA CB  HB1  sing N N 9   
ALA CB  HB2  sing N N 10  
ALA CB  HB3  sing N N 11  
ALA OXT HXT  sing N N 12  
ARG N   CA   sing N N 13  
ARG N   H    sing N N 14  
ARG N   H2   sing N N 15  
ARG CA  C    sing N N 16  
ARG CA  CB   sing N N 17  
ARG CA  HA   sing N N 18  
ARG C   O    doub N N 19  
ARG C   OXT  sing N N 20  
ARG CB  CG   sing N N 21  
ARG CB  HB2  sing N N 22  
ARG CB  HB3  sing N N 23  
ARG CG  CD   sing N N 24  
ARG CG  HG2  sing N N 25  
ARG CG  HG3  sing N N 26  
ARG CD  NE   sing N N 27  
ARG CD  HD2  sing N N 28  
ARG CD  HD3  sing N N 29  
ARG NE  CZ   sing N N 30  
ARG NE  HE   sing N N 31  
ARG CZ  NH1  sing N N 32  
ARG CZ  NH2  doub N N 33  
ARG NH1 HH11 sing N N 34  
ARG NH1 HH12 sing N N 35  
ARG NH2 HH21 sing N N 36  
ARG NH2 HH22 sing N N 37  
ARG OXT HXT  sing N N 38  
ASN N   CA   sing N N 39  
ASN N   H    sing N N 40  
ASN N   H2   sing N N 41  
ASN CA  C    sing N N 42  
ASN CA  CB   sing N N 43  
ASN CA  HA   sing N N 44  
ASN C   O    doub N N 45  
ASN C   OXT  sing N N 46  
ASN CB  CG   sing N N 47  
ASN CB  HB2  sing N N 48  
ASN CB  HB3  sing N N 49  
ASN CG  OD1  doub N N 50  
ASN CG  ND2  sing N N 51  
ASN ND2 HD21 sing N N 52  
ASN ND2 HD22 sing N N 53  
ASN OXT HXT  sing N N 54  
ASP N   CA   sing N N 55  
ASP N   H    sing N N 56  
ASP N   H2   sing N N 57  
ASP CA  C    sing N N 58  
ASP CA  CB   sing N N 59  
ASP CA  HA   sing N N 60  
ASP C   O    doub N N 61  
ASP C   OXT  sing N N 62  
ASP CB  CG   sing N N 63  
ASP CB  HB2  sing N N 64  
ASP CB  HB3  sing N N 65  
ASP CG  OD1  doub N N 66  
ASP CG  OD2  sing N N 67  
ASP OD2 HD2  sing N N 68  
ASP OXT HXT  sing N N 69  
CYS N   CA   sing N N 70  
CYS N   H    sing N N 71  
CYS N   H2   sing N N 72  
CYS CA  C    sing N N 73  
CYS CA  CB   sing N N 74  
CYS CA  HA   sing N N 75  
CYS C   O    doub N N 76  
CYS C   OXT  sing N N 77  
CYS CB  SG   sing N N 78  
CYS CB  HB2  sing N N 79  
CYS CB  HB3  sing N N 80  
CYS SG  HG   sing N N 81  
CYS OXT HXT  sing N N 82  
GLN N   CA   sing N N 83  
GLN N   H    sing N N 84  
GLN N   H2   sing N N 85  
GLN CA  C    sing N N 86  
GLN CA  CB   sing N N 87  
GLN CA  HA   sing N N 88  
GLN C   O    doub N N 89  
GLN C   OXT  sing N N 90  
GLN CB  CG   sing N N 91  
GLN CB  HB2  sing N N 92  
GLN CB  HB3  sing N N 93  
GLN CG  CD   sing N N 94  
GLN CG  HG2  sing N N 95  
GLN CG  HG3  sing N N 96  
GLN CD  OE1  doub N N 97  
GLN CD  NE2  sing N N 98  
GLN NE2 HE21 sing N N 99  
GLN NE2 HE22 sing N N 100 
GLN OXT HXT  sing N N 101 
GLU N   CA   sing N N 102 
GLU N   H    sing N N 103 
GLU N   H2   sing N N 104 
GLU CA  C    sing N N 105 
GLU CA  CB   sing N N 106 
GLU CA  HA   sing N N 107 
GLU C   O    doub N N 108 
GLU C   OXT  sing N N 109 
GLU CB  CG   sing N N 110 
GLU CB  HB2  sing N N 111 
GLU CB  HB3  sing N N 112 
GLU CG  CD   sing N N 113 
GLU CG  HG2  sing N N 114 
GLU CG  HG3  sing N N 115 
GLU CD  OE1  doub N N 116 
GLU CD  OE2  sing N N 117 
GLU OE2 HE2  sing N N 118 
GLU OXT HXT  sing N N 119 
GLY N   CA   sing N N 120 
GLY N   H    sing N N 121 
GLY N   H2   sing N N 122 
GLY CA  C    sing N N 123 
GLY CA  HA2  sing N N 124 
GLY CA  HA3  sing N N 125 
GLY C   O    doub N N 126 
GLY C   OXT  sing N N 127 
GLY OXT HXT  sing N N 128 
HIS N   CA   sing N N 129 
HIS N   H    sing N N 130 
HIS N   H2   sing N N 131 
HIS CA  C    sing N N 132 
HIS CA  CB   sing N N 133 
HIS CA  HA   sing N N 134 
HIS C   O    doub N N 135 
HIS C   OXT  sing N N 136 
HIS CB  CG   sing N N 137 
HIS CB  HB2  sing N N 138 
HIS CB  HB3  sing N N 139 
HIS CG  ND1  sing Y N 140 
HIS CG  CD2  doub Y N 141 
HIS ND1 CE1  doub Y N 142 
HIS ND1 HD1  sing N N 143 
HIS CD2 NE2  sing Y N 144 
HIS CD2 HD2  sing N N 145 
HIS CE1 NE2  sing Y N 146 
HIS CE1 HE1  sing N N 147 
HIS NE2 HE2  sing N N 148 
HIS OXT HXT  sing N N 149 
HOH O   H1   sing N N 150 
HOH O   H2   sing N N 151 
ILE N   CA   sing N N 152 
ILE N   H    sing N N 153 
ILE N   H2   sing N N 154 
ILE CA  C    sing N N 155 
ILE CA  CB   sing N N 156 
ILE CA  HA   sing N N 157 
ILE C   O    doub N N 158 
ILE C   OXT  sing N N 159 
ILE CB  CG1  sing N N 160 
ILE CB  CG2  sing N N 161 
ILE CB  HB   sing N N 162 
ILE CG1 CD1  sing N N 163 
ILE CG1 HG12 sing N N 164 
ILE CG1 HG13 sing N N 165 
ILE CG2 HG21 sing N N 166 
ILE CG2 HG22 sing N N 167 
ILE CG2 HG23 sing N N 168 
ILE CD1 HD11 sing N N 169 
ILE CD1 HD12 sing N N 170 
ILE CD1 HD13 sing N N 171 
ILE OXT HXT  sing N N 172 
LEU N   CA   sing N N 173 
LEU N   H    sing N N 174 
LEU N   H2   sing N N 175 
LEU CA  C    sing N N 176 
LEU CA  CB   sing N N 177 
LEU CA  HA   sing N N 178 
LEU C   O    doub N N 179 
LEU C   OXT  sing N N 180 
LEU CB  CG   sing N N 181 
LEU CB  HB2  sing N N 182 
LEU CB  HB3  sing N N 183 
LEU CG  CD1  sing N N 184 
LEU CG  CD2  sing N N 185 
LEU CG  HG   sing N N 186 
LEU CD1 HD11 sing N N 187 
LEU CD1 HD12 sing N N 188 
LEU CD1 HD13 sing N N 189 
LEU CD2 HD21 sing N N 190 
LEU CD2 HD22 sing N N 191 
LEU CD2 HD23 sing N N 192 
LEU OXT HXT  sing N N 193 
LYS N   CA   sing N N 194 
LYS N   H    sing N N 195 
LYS N   H2   sing N N 196 
LYS CA  C    sing N N 197 
LYS CA  CB   sing N N 198 
LYS CA  HA   sing N N 199 
LYS C   O    doub N N 200 
LYS C   OXT  sing N N 201 
LYS CB  CG   sing N N 202 
LYS CB  HB2  sing N N 203 
LYS CB  HB3  sing N N 204 
LYS CG  CD   sing N N 205 
LYS CG  HG2  sing N N 206 
LYS CG  HG3  sing N N 207 
LYS CD  CE   sing N N 208 
LYS CD  HD2  sing N N 209 
LYS CD  HD3  sing N N 210 
LYS CE  NZ   sing N N 211 
LYS CE  HE2  sing N N 212 
LYS CE  HE3  sing N N 213 
LYS NZ  HZ1  sing N N 214 
LYS NZ  HZ2  sing N N 215 
LYS NZ  HZ3  sing N N 216 
LYS OXT HXT  sing N N 217 
MET N   CA   sing N N 218 
MET N   H    sing N N 219 
MET N   H2   sing N N 220 
MET CA  C    sing N N 221 
MET CA  CB   sing N N 222 
MET CA  HA   sing N N 223 
MET C   O    doub N N 224 
MET C   OXT  sing N N 225 
MET CB  CG   sing N N 226 
MET CB  HB2  sing N N 227 
MET CB  HB3  sing N N 228 
MET CG  SD   sing N N 229 
MET CG  HG2  sing N N 230 
MET CG  HG3  sing N N 231 
MET SD  CE   sing N N 232 
MET CE  HE1  sing N N 233 
MET CE  HE2  sing N N 234 
MET CE  HE3  sing N N 235 
MET OXT HXT  sing N N 236 
PHE N   CA   sing N N 237 
PHE N   H    sing N N 238 
PHE N   H2   sing N N 239 
PHE CA  C    sing N N 240 
PHE CA  CB   sing N N 241 
PHE CA  HA   sing N N 242 
PHE C   O    doub N N 243 
PHE C   OXT  sing N N 244 
PHE CB  CG   sing N N 245 
PHE CB  HB2  sing N N 246 
PHE CB  HB3  sing N N 247 
PHE CG  CD1  doub Y N 248 
PHE CG  CD2  sing Y N 249 
PHE CD1 CE1  sing Y N 250 
PHE CD1 HD1  sing N N 251 
PHE CD2 CE2  doub Y N 252 
PHE CD2 HD2  sing N N 253 
PHE CE1 CZ   doub Y N 254 
PHE CE1 HE1  sing N N 255 
PHE CE2 CZ   sing Y N 256 
PHE CE2 HE2  sing N N 257 
PHE CZ  HZ   sing N N 258 
PHE OXT HXT  sing N N 259 
PRO N   CA   sing N N 260 
PRO N   CD   sing N N 261 
PRO N   H    sing N N 262 
PRO CA  C    sing N N 263 
PRO CA  CB   sing N N 264 
PRO CA  HA   sing N N 265 
PRO C   O    doub N N 266 
PRO C   OXT  sing N N 267 
PRO CB  CG   sing N N 268 
PRO CB  HB2  sing N N 269 
PRO CB  HB3  sing N N 270 
PRO CG  CD   sing N N 271 
PRO CG  HG2  sing N N 272 
PRO CG  HG3  sing N N 273 
PRO CD  HD2  sing N N 274 
PRO CD  HD3  sing N N 275 
PRO OXT HXT  sing N N 276 
SER N   CA   sing N N 277 
SER N   H    sing N N 278 
SER N   H2   sing N N 279 
SER CA  C    sing N N 280 
SER CA  CB   sing N N 281 
SER CA  HA   sing N N 282 
SER C   O    doub N N 283 
SER C   OXT  sing N N 284 
SER CB  OG   sing N N 285 
SER CB  HB2  sing N N 286 
SER CB  HB3  sing N N 287 
SER OG  HG   sing N N 288 
SER OXT HXT  sing N N 289 
THR N   CA   sing N N 290 
THR N   H    sing N N 291 
THR N   H2   sing N N 292 
THR CA  C    sing N N 293 
THR CA  CB   sing N N 294 
THR CA  HA   sing N N 295 
THR C   O    doub N N 296 
THR C   OXT  sing N N 297 
THR CB  OG1  sing N N 298 
THR CB  CG2  sing N N 299 
THR CB  HB   sing N N 300 
THR OG1 HG1  sing N N 301 
THR CG2 HG21 sing N N 302 
THR CG2 HG22 sing N N 303 
THR CG2 HG23 sing N N 304 
THR OXT HXT  sing N N 305 
VAL N   CA   sing N N 306 
VAL N   H    sing N N 307 
VAL N   H2   sing N N 308 
VAL CA  C    sing N N 309 
VAL CA  CB   sing N N 310 
VAL CA  HA   sing N N 311 
VAL C   O    doub N N 312 
VAL C   OXT  sing N N 313 
VAL CB  CG1  sing N N 314 
VAL CB  CG2  sing N N 315 
VAL CB  HB   sing N N 316 
VAL CG1 HG11 sing N N 317 
VAL CG1 HG12 sing N N 318 
VAL CG1 HG13 sing N N 319 
VAL CG2 HG21 sing N N 320 
VAL CG2 HG22 sing N N 321 
VAL CG2 HG23 sing N N 322 
VAL OXT HXT  sing N N 323 
# 
_atom_sites.entry_id                    1T3J 
_atom_sites.fract_transf_matrix[1][1]   0.00479731 
_atom_sites.fract_transf_matrix[1][2]   -0.00340857 
_atom_sites.fract_transf_matrix[1][3]   0.00175480 
_atom_sites.fract_transf_matrix[2][1]   -0.00361000 
_atom_sites.fract_transf_matrix[2][2]   -0.00496256 
_atom_sites.fract_transf_matrix[2][3]   0.00022969 
_atom_sites.fract_transf_matrix[3][1]   0.00129057 
_atom_sites.fract_transf_matrix[3][2]   -0.00121100 
_atom_sites.fract_transf_matrix[3][3]   -0.00588046 
_atom_sites.fract_transf_vector[1]      0.605374 
_atom_sites.fract_transf_vector[2]      0.181406 
_atom_sites.fract_transf_vector[3]      0.084632 
# 
loop_
_atom_type.symbol 
C 
N 
O 
S 
# 
loop_
_atom_site.group_PDB 
_atom_site.id 
_atom_site.type_symbol 
_atom_site.label_atom_id 
_atom_site.label_alt_id 
_atom_site.label_comp_id 
_atom_site.label_asym_id 
_atom_site.label_entity_id 
_atom_site.label_seq_id 
_atom_site.pdbx_PDB_ins_code 
_atom_site.Cartn_x 
_atom_site.Cartn_y 
_atom_site.Cartn_z 
_atom_site.occupancy 
_atom_site.B_iso_or_equiv 
_atom_site.pdbx_formal_charge 
_atom_site.auth_seq_id 
_atom_site.auth_comp_id 
_atom_site.auth_asym_id 
_atom_site.auth_atom_id 
_atom_site.pdbx_PDB_model_num 
ATOM   1   N N   . ALA A 1 35 ? -22.765 -29.360 -22.311 1.00 56.42 ? 674 ALA A N   1 
ATOM   2   C CA  . ALA A 1 35 ? -22.484 -30.817 -22.491 1.00 58.83 ? 674 ALA A CA  1 
ATOM   3   C C   . ALA A 1 35 ? -21.127 -31.074 -23.169 1.00 56.26 ? 674 ALA A C   1 
ATOM   4   O O   . ALA A 1 35 ? -20.348 -31.920 -22.733 1.00 54.22 ? 674 ALA A O   1 
ATOM   5   C CB  . ALA A 1 35 ? -23.625 -31.472 -23.316 1.00 54.44 ? 674 ALA A CB  1 
ATOM   6   N N   . THR A 1 36 ? -20.846 -30.329 -24.231 1.00 50.64 ? 675 THR A N   1 
ATOM   7   C CA  . THR A 1 36 ? -19.607 -30.486 -24.982 1.00 50.68 ? 675 THR A CA  1 
ATOM   8   C C   . THR A 1 36 ? -18.340 -29.939 -24.327 1.00 49.27 ? 675 THR A C   1 
ATOM   9   O O   . THR A 1 36 ? -18.375 -29.057 -23.466 1.00 45.44 ? 675 THR A O   1 
ATOM   10  C CB  . THR A 1 36 ? -19.722 -29.812 -26.349 1.00 54.70 ? 675 THR A CB  1 
ATOM   11  O OG1 . THR A 1 36 ? -19.781 -28.395 -26.162 1.00 55.60 ? 675 THR A OG1 1 
ATOM   12  C CG2 . THR A 1 36 ? -21.007 -30.252 -27.057 1.00 54.18 ? 675 THR A CG2 1 
ATOM   13  N N   . THR A 1 37 ? -17.218 -30.498 -24.756 1.00 45.94 ? 676 THR A N   1 
ATOM   14  C CA  . THR A 1 37 ? -15.905 -30.080 -24.303 1.00 39.23 ? 676 THR A CA  1 
ATOM   15  C C   . THR A 1 37 ? -15.844 -28.559 -24.453 1.00 45.51 ? 676 THR A C   1 
ATOM   16  O O   . THR A 1 37 ? -15.400 -27.849 -23.555 1.00 50.98 ? 676 THR A O   1 
ATOM   17  C CB  . THR A 1 37 ? -14.827 -30.724 -25.184 1.00 39.78 ? 676 THR A CB  1 
ATOM   18  O OG1 . THR A 1 37 ? -14.776 -32.133 -24.912 1.00 36.45 ? 676 THR A OG1 1 
ATOM   19  C CG2 . THR A 1 37 ? -13.461 -30.094 -24.935 1.00 37.62 ? 676 THR A CG2 1 
ATOM   20  N N   . PHE A 1 38 ? -16.315 -28.070 -25.594 1.00 41.47 ? 677 PHE A N   1 
ATOM   21  C CA  . PHE A 1 38 ? -16.344 -26.652 -25.875 1.00 41.45 ? 677 PHE A CA  1 
ATOM   22  C C   . PHE A 1 38 ? -17.049 -25.879 -24.764 1.00 42.83 ? 677 PHE A C   1 
ATOM   23  O O   . PHE A 1 38 ? -16.490 -24.956 -24.210 1.00 52.29 ? 677 PHE A O   1 
ATOM   24  C CB  . PHE A 1 38 ? -17.049 -26.402 -27.217 1.00 40.99 ? 677 PHE A CB  1 
ATOM   25  C CG  . PHE A 1 38 ? -17.013 -24.965 -27.658 1.00 46.79 ? 677 PHE A CG  1 
ATOM   26  C CD1 . PHE A 1 38 ? -15.904 -24.457 -28.354 1.00 47.84 ? 677 PHE A CD1 1 
ATOM   27  C CD2 . PHE A 1 38 ? -18.041 -24.088 -27.300 1.00 45.34 ? 677 PHE A CD2 1 
ATOM   28  C CE1 . PHE A 1 38 ? -15.813 -23.079 -28.672 1.00 48.20 ? 677 PHE A CE1 1 
ATOM   29  C CE2 . PHE A 1 38 ? -17.963 -22.703 -27.613 1.00 46.65 ? 677 PHE A CE2 1 
ATOM   30  C CZ  . PHE A 1 38 ? -16.847 -22.201 -28.296 1.00 42.48 ? 677 PHE A CZ  1 
ATOM   31  N N   . ALA A 1 39 ? -18.283 -26.248 -24.449 1.00 47.50 ? 678 ALA A N   1 
ATOM   32  C CA  . ALA A 1 39 ? -19.056 -25.582 -23.393 1.00 51.66 ? 678 ALA A CA  1 
ATOM   33  C C   . ALA A 1 39 ? -18.428 -25.762 -22.016 1.00 49.64 ? 678 ALA A C   1 
ATOM   34  O O   . ALA A 1 39 ? -18.452 -24.848 -21.199 1.00 51.17 ? 678 ALA A O   1 
ATOM   35  C CB  . ALA A 1 39 ? -20.518 -26.106 -23.367 1.00 43.04 ? 678 ALA A CB  1 
ATOM   36  N N   . ARG A 1 40 ? -17.900 -26.948 -21.740 1.00 46.84 ? 679 ARG A N   1 
ATOM   37  C CA  . ARG A 1 40 ? -17.261 -27.180 -20.458 1.00 47.52 ? 679 ARG A CA  1 
ATOM   38  C C   . ARG A 1 40 ? -16.095 -26.188 -20.313 1.00 48.10 ? 679 ARG A C   1 
ATOM   39  O O   . ARG A 1 40 ? -15.934 -25.570 -19.265 1.00 48.68 ? 679 ARG A O   1 
ATOM   40  C CB  . ARG A 1 40 ? -16.740 -28.612 -20.379 1.00 51.05 ? 679 ARG A CB  1 
ATOM   41  C CG  . ARG A 1 40 ? -17.820 -29.672 -20.343 1.00 54.91 ? 679 ARG A CG  1 
ATOM   42  C CD  . ARG A 1 40 ? -17.227 -31.049 -20.614 1.00 61.54 ? 679 ARG A CD  1 
ATOM   43  N NE  . ARG A 1 40 ? -17.676 -32.028 -19.631 1.00 72.34 ? 679 ARG A NE  1 
ATOM   44  C CZ  . ARG A 1 40 ? -18.937 -32.412 -19.479 1.00 72.28 ? 679 ARG A CZ  1 
ATOM   45  N NH1 . ARG A 1 40 ? -19.248 -33.302 -18.558 1.00 76.37 ? 679 ARG A NH1 1 
ATOM   46  N NH2 . ARG A 1 40 ? -19.887 -31.914 -20.252 1.00 81.36 ? 679 ARG A NH2 1 
ATOM   47  N N   . LEU A 1 41 ? -15.305 -26.038 -21.377 1.00 46.19 ? 680 LEU A N   1 
ATOM   48  C CA  . LEU A 1 41 ? -14.158 -25.130 -21.405 1.00 44.96 ? 680 LEU A CA  1 
ATOM   49  C C   . LEU A 1 41 ? -14.581 -23.673 -21.360 1.00 45.42 ? 680 LEU A C   1 
ATOM   50  O O   . LEU A 1 41 ? -13.914 -22.863 -20.740 1.00 51.05 ? 680 LEU A O   1 
ATOM   51  C CB  . LEU A 1 41 ? -13.274 -25.393 -22.649 1.00 38.81 ? 680 LEU A CB  1 
ATOM   52  C CG  . LEU A 1 41 ? -12.380 -26.653 -22.625 1.00 38.62 ? 680 LEU A CG  1 
ATOM   53  C CD1 . LEU A 1 41 ? -11.627 -26.758 -23.901 1.00 32.10 ? 680 LEU A CD1 1 
ATOM   54  C CD2 . LEU A 1 41 ? -11.383 -26.607 -21.479 1.00 35.65 ? 680 LEU A CD2 1 
ATOM   55  N N   . CYS A 1 42 ? -15.683 -23.334 -22.018 1.00 50.78 ? 681 CYS A N   1 
ATOM   56  C CA  . CYS A 1 42 ? -16.194 -21.957 -22.003 1.00 51.65 ? 681 CYS A CA  1 
ATOM   57  C C   . CYS A 1 42 ? -16.490 -21.539 -20.584 1.00 51.08 ? 681 CYS A C   1 
ATOM   58  O O   . CYS A 1 42 ? -16.184 -20.429 -20.169 1.00 55.22 ? 681 CYS A O   1 
ATOM   59  C CB  . CYS A 1 42 ? -17.494 -21.837 -22.798 1.00 48.06 ? 681 CYS A CB  1 
ATOM   60  S SG  . CYS A 1 42 ? -17.275 -21.284 -24.502 1.00 68.42 ? 681 CYS A SG  1 
ATOM   61  N N   . GLN A 1 43 ? -17.095 -22.447 -19.836 1.00 49.83 ? 682 GLN A N   1 
ATOM   62  C CA  . GLN A 1 43 ? -17.449 -22.168 -18.468 1.00 53.66 ? 682 GLN A CA  1 
ATOM   63  C C   . GLN A 1 43 ? -16.225 -22.073 -17.575 1.00 52.70 ? 682 GLN A C   1 
ATOM   64  O O   . GLN A 1 43 ? -16.144 -21.175 -16.734 1.00 47.73 ? 682 GLN A O   1 
ATOM   65  C CB  . GLN A 1 43 ? -18.393 -23.244 -17.939 1.00 57.73 ? 682 GLN A CB  1 
ATOM   66  C CG  . GLN A 1 43 ? -18.480 -23.275 -16.426 1.00 69.64 ? 682 GLN A CG  1 
ATOM   67  C CD  . GLN A 1 43 ? -19.722 -23.972 -15.941 1.00 74.53 ? 682 GLN A CD  1 
ATOM   68  O OE1 . GLN A 1 43 ? -20.823 -23.416 -16.012 1.00 78.47 ? 682 GLN A OE1 1 
ATOM   69  N NE2 . GLN A 1 43 ? -19.562 -25.200 -15.456 1.00 72.25 ? 682 GLN A NE2 1 
ATOM   70  N N   . GLN A 1 44 ? -15.290 -23.005 -17.745 1.00 46.93 ? 683 GLN A N   1 
ATOM   71  C CA  . GLN A 1 44 ? -14.077 -22.986 -16.941 1.00 49.36 ? 683 GLN A CA  1 
ATOM   72  C C   . GLN A 1 44 ? -13.339 -21.680 -17.165 1.00 48.90 ? 683 GLN A C   1 
ATOM   73  O O   . GLN A 1 44 ? -12.971 -21.002 -16.218 1.00 50.66 ? 683 GLN A O   1 
ATOM   74  C CB  . GLN A 1 44 ? -13.167 -24.154 -17.297 1.00 47.68 ? 683 GLN A CB  1 
ATOM   75  C CG  . GLN A 1 44 ? -13.576 -25.457 -16.630 1.00 65.61 ? 683 GLN A CG  1 
ATOM   76  C CD  . GLN A 1 44 ? -12.704 -26.632 -17.050 1.00 75.53 ? 683 GLN A CD  1 
ATOM   77  O OE1 . GLN A 1 44 ? -11.474 -26.549 -17.017 1.00 85.35 ? 683 GLN A OE1 1 
ATOM   78  N NE2 . GLN A 1 44 ? -13.336 -27.735 -17.440 1.00 77.84 ? 683 GLN A NE2 1 
ATOM   79  N N   . VAL A 1 45 ? -13.143 -21.326 -18.427 1.00 46.25 ? 684 VAL A N   1 
ATOM   80  C CA  . VAL A 1 45 ? -12.455 -20.107 -18.779 1.00 48.33 ? 684 VAL A CA  1 
ATOM   81  C C   . VAL A 1 45 ? -13.164 -18.876 -18.231 1.00 54.66 ? 684 VAL A C   1 
ATOM   82  O O   . VAL A 1 45 ? -12.525 -17.925 -17.798 1.00 56.91 ? 684 VAL A O   1 
ATOM   83  C CB  . VAL A 1 45 ? -12.305 -20.006 -20.307 1.00 47.30 ? 684 VAL A CB  1 
ATOM   84  C CG1 . VAL A 1 45 ? -11.962 -18.585 -20.728 1.00 41.23 ? 684 VAL A CG1 1 
ATOM   85  C CG2 . VAL A 1 45 ? -11.215 -20.956 -20.751 1.00 42.06 ? 684 VAL A CG2 1 
ATOM   86  N N   . ASP A 1 46 ? -14.485 -18.898 -18.231 1.00 61.04 ? 685 ASP A N   1 
ATOM   87  C CA  . ASP A 1 46 ? -15.244 -17.768 -17.728 1.00 58.46 ? 685 ASP A CA  1 
ATOM   88  C C   . ASP A 1 46 ? -15.088 -17.626 -16.215 1.00 56.85 ? 685 ASP A C   1 
ATOM   89  O O   . ASP A 1 46 ? -14.940 -16.525 -15.700 1.00 56.92 ? 685 ASP A O   1 
ATOM   90  C CB  . ASP A 1 46 ? -16.712 -17.949 -18.059 1.00 70.27 ? 685 ASP A CB  1 
ATOM   91  C CG  . ASP A 1 46 ? -17.474 -16.653 -18.010 1.00 79.78 ? 685 ASP A CG  1 
ATOM   92  O OD1 . ASP A 1 46 ? -17.374 -15.900 -19.001 1.00 84.26 ? 685 ASP A OD1 1 
ATOM   93  O OD2 . ASP A 1 46 ? -18.157 -16.384 -16.989 1.00 83.07 ? 685 ASP A OD2 1 
ATOM   94  N N   . MET A 1 47 ? -15.144 -18.738 -15.499 1.00 49.39 ? 686 MET A N   1 
ATOM   95  C CA  . MET A 1 47 ? -15.000 -18.679 -14.061 1.00 55.79 ? 686 MET A CA  1 
ATOM   96  C C   . MET A 1 47 ? -13.596 -18.209 -13.686 1.00 57.26 ? 686 MET A C   1 
ATOM   97  O O   . MET A 1 47 ? -13.423 -17.391 -12.777 1.00 52.58 ? 686 MET A O   1 
ATOM   98  C CB  . MET A 1 47 ? -15.273 -20.047 -13.449 1.00 60.31 ? 686 MET A CB  1 
ATOM   99  C CG  . MET A 1 47 ? -16.734 -20.262 -13.063 1.00 76.50 ? 686 MET A CG  1 
ATOM   100 S SD  . MET A 1 47 ? -17.095 -22.017 -12.724 1.00 90.23 ? 686 MET A SD  1 
ATOM   101 C CE  . MET A 1 47 ? -15.968 -22.364 -11.318 1.00 85.68 ? 686 MET A CE  1 
ATOM   102 N N   . THR A 1 48 ? -12.602 -18.733 -14.397 1.00 55.07 ? 687 THR A N   1 
ATOM   103 C CA  . THR A 1 48 ? -11.225 -18.381 -14.159 1.00 49.10 ? 687 THR A CA  1 
ATOM   104 C C   . THR A 1 48 ? -11.001 -16.904 -14.475 1.00 55.19 ? 687 THR A C   1 
ATOM   105 O O   . THR A 1 48 ? -10.319 -16.200 -13.730 1.00 52.99 ? 687 THR A O   1 
ATOM   106 C CB  . THR A 1 48 ? -10.312 -19.265 -14.985 1.00 49.60 ? 687 THR A CB  1 
ATOM   107 O OG1 . THR A 1 48 ? -10.476 -20.621 -14.551 1.00 46.19 ? 687 THR A OG1 1 
ATOM   108 C CG2 . THR A 1 48 ? -8.856  -18.866 -14.800 1.00 46.39 ? 687 THR A CG2 1 
ATOM   109 N N   . GLN A 1 49 ? -11.583 -16.419 -15.561 1.00 55.33 ? 688 GLN A N   1 
ATOM   110 C CA  . GLN A 1 49 ? -11.427 -15.010 -15.885 1.00 59.06 ? 688 GLN A CA  1 
ATOM   111 C C   . GLN A 1 49 ? -11.992 -14.152 -14.756 1.00 57.47 ? 688 GLN A C   1 
ATOM   112 O O   . GLN A 1 49 ? -11.329 -13.227 -14.290 1.00 55.72 ? 688 GLN A O   1 
ATOM   113 C CB  . GLN A 1 49 ? -12.141 -14.656 -17.189 1.00 60.85 ? 688 GLN A CB  1 
ATOM   114 C CG  . GLN A 1 49 ? -11.196 -14.373 -18.338 1.00 81.06 ? 688 GLN A CG  1 
ATOM   115 C CD  . GLN A 1 49 ? -10.294 -13.156 -18.102 1.00 88.77 ? 688 GLN A CD  1 
ATOM   116 O OE1 . GLN A 1 49 ? -9.315  -12.941 -18.834 1.00 87.94 ? 688 GLN A OE1 1 
ATOM   117 N NE2 . GLN A 1 49 ? -10.624 -12.354 -17.090 1.00 89.09 ? 688 GLN A NE2 1 
ATOM   118 N N   . LYS A 1 50 ? -13.217 -14.451 -14.322 1.00 55.52 ? 689 LYS A N   1 
ATOM   119 C CA  . LYS A 1 50 ? -13.845 -13.681 -13.252 1.00 55.88 ? 689 LYS A CA  1 
ATOM   120 C C   . LYS A 1 50 ? -12.972 -13.678 -12.008 1.00 53.54 ? 689 LYS A C   1 
ATOM   121 O O   . LYS A 1 50 ? -12.750 -12.629 -11.412 1.00 50.66 ? 689 LYS A O   1 
ATOM   122 C CB  . LYS A 1 50 ? -15.227 -14.235 -12.889 1.00 58.90 ? 689 LYS A CB  1 
ATOM   123 C CG  . LYS A 1 50 ? -16.297 -13.973 -13.930 1.00 74.81 ? 689 LYS A CG  1 
ATOM   124 C CD  . LYS A 1 50 ? -17.623 -14.633 -13.523 1.00 82.33 ? 689 LYS A CD  1 
ATOM   125 C CE  . LYS A 1 50 ? -18.714 -14.468 -14.590 1.00 83.55 ? 689 LYS A CE  1 
ATOM   126 N NZ  . LYS A 1 50 ? -19.912 -15.317 -14.275 1.00 83.89 ? 689 LYS A NZ  1 
ATOM   127 N N   . HIS A 1 51 ? -12.470 -14.846 -11.618 1.00 43.37 ? 690 HIS A N   1 
ATOM   128 C CA  . HIS A 1 51 ? -11.629 -14.918 -10.439 1.00 43.15 ? 690 HIS A CA  1 
ATOM   129 C C   . HIS A 1 51 ? -10.354 -14.061 -10.587 1.00 43.62 ? 690 HIS A C   1 
ATOM   130 O O   . HIS A 1 51 ? -9.987  -13.327 -9.681  1.00 43.51 ? 690 HIS A O   1 
ATOM   131 C CB  . HIS A 1 51 ? -11.287 -16.376 -10.155 1.00 39.94 ? 690 HIS A CB  1 
ATOM   132 C CG  . HIS A 1 51 ? -10.341 -16.572 -9.014  1.00 46.83 ? 690 HIS A CG  1 
ATOM   133 N ND1 . HIS A 1 51 ? -8.988  -16.800 -9.197  1.00 46.58 ? 690 HIS A ND1 1 
ATOM   134 C CD2 . HIS A 1 51 ? -10.559 -16.656 -7.679  1.00 46.59 ? 690 HIS A CD2 1 
ATOM   135 C CE1 . HIS A 1 51 ? -8.422  -17.028 -8.025  1.00 46.56 ? 690 HIS A CE1 1 
ATOM   136 N NE2 . HIS A 1 51 ? -9.353  -16.948 -7.088  1.00 45.85 ? 690 HIS A NE2 1 
ATOM   137 N N   . LEU A 1 52 ? -9.691  -14.133 -11.730 1.00 36.62 ? 691 LEU A N   1 
ATOM   138 C CA  . LEU A 1 52 ? -8.495  -13.348 -11.906 1.00 42.89 ? 691 LEU A CA  1 
ATOM   139 C C   . LEU A 1 52 ? -8.800  -11.851 -11.824 1.00 51.39 ? 691 LEU A C   1 
ATOM   140 O O   . LEU A 1 52 ? -8.087  -11.124 -11.129 1.00 55.18 ? 691 LEU A O   1 
ATOM   141 C CB  . LEU A 1 52 ? -7.808  -13.718 -13.229 1.00 37.24 ? 691 LEU A CB  1 
ATOM   142 C CG  . LEU A 1 52 ? -7.257  -15.159 -13.188 1.00 42.81 ? 691 LEU A CG  1 
ATOM   143 C CD1 . LEU A 1 52 ? -6.763  -15.588 -14.561 1.00 37.24 ? 691 LEU A CD1 1 
ATOM   144 C CD2 . LEU A 1 52 ? -6.142  -15.268 -12.130 1.00 33.10 ? 691 LEU A CD2 1 
ATOM   145 N N   . GLU A 1 53 ? -9.859  -11.403 -12.502 1.00 53.15 ? 692 GLU A N   1 
ATOM   146 C CA  . GLU A 1 53 ? -10.258 -9.993  -12.491 1.00 52.49 ? 692 GLU A CA  1 
ATOM   147 C C   . GLU A 1 53 ? -10.491 -9.481  -11.073 1.00 50.86 ? 692 GLU A C   1 
ATOM   148 O O   . GLU A 1 53 ? -10.032 -8.395  -10.717 1.00 51.43 ? 692 GLU A O   1 
ATOM   149 C CB  . GLU A 1 53 ? -11.525 -9.778  -13.305 1.00 55.18 ? 692 GLU A CB  1 
ATOM   150 C CG  . GLU A 1 53 ? -11.333 -9.872  -14.801 1.00 75.34 ? 692 GLU A CG  1 
ATOM   151 C CD  . GLU A 1 53 ? -12.647 -9.729  -15.579 1.00 85.04 ? 692 GLU A CD  1 
ATOM   152 O OE1 . GLU A 1 53 ? -12.597 -9.656  -16.829 1.00 86.78 ? 692 GLU A OE1 1 
ATOM   153 O OE2 . GLU A 1 53 ? -13.727 -9.693  -14.942 1.00 88.97 ? 692 GLU A OE2 1 
ATOM   154 N N   . GLU A 1 54 ? -11.207 -10.251 -10.266 1.00 46.98 ? 693 GLU A N   1 
ATOM   155 C CA  . GLU A 1 54 ? -11.444 -9.840  -8.888  1.00 53.94 ? 693 GLU A CA  1 
ATOM   156 C C   . GLU A 1 54 ? -10.120 -9.816  -8.123  1.00 53.45 ? 693 GLU A C   1 
ATOM   157 O O   . GLU A 1 54 ? -9.880  -8.901  -7.351  1.00 52.74 ? 693 GLU A O   1 
ATOM   158 C CB  . GLU A 1 54 ? -12.422 -10.787 -8.183  1.00 50.68 ? 693 GLU A CB  1 
ATOM   159 C CG  . GLU A 1 54 ? -13.803 -10.802 -8.788  1.00 74.21 ? 693 GLU A CG  1 
ATOM   160 C CD  . GLU A 1 54 ? -14.619 -12.010 -8.355  1.00 83.93 ? 693 GLU A CD  1 
ATOM   161 O OE1 . GLU A 1 54 ? -15.716 -12.225 -8.929  1.00 90.90 ? 693 GLU A OE1 1 
ATOM   162 O OE2 . GLU A 1 54 ? -14.164 -12.741 -7.445  1.00 87.62 ? 693 GLU A OE2 1 
ATOM   163 N N   . GLU A 1 55 ? -9.267  -10.821 -8.335  1.00 52.35 ? 694 GLU A N   1 
ATOM   164 C CA  . GLU A 1 55 ? -7.980  -10.872 -7.652  1.00 49.60 ? 694 GLU A CA  1 
ATOM   165 C C   . GLU A 1 55 ? -7.197  -9.618  -7.946  1.00 47.28 ? 694 GLU A C   1 
ATOM   166 O O   . GLU A 1 55 ? -6.720  -8.947  -7.036  1.00 50.48 ? 694 GLU A O   1 
ATOM   167 C CB  . GLU A 1 55 ? -7.152  -12.072 -8.104  1.00 49.73 ? 694 GLU A CB  1 
ATOM   168 C CG  . GLU A 1 55 ? -7.632  -13.416 -7.586  1.00 50.34 ? 694 GLU A CG  1 
ATOM   169 C CD  . GLU A 1 55 ? -7.644  -13.492 -6.073  1.00 57.25 ? 694 GLU A CD  1 
ATOM   170 O OE1 . GLU A 1 55 ? -8.739  -13.402 -5.472  1.00 56.52 ? 694 GLU A OE1 1 
ATOM   171 O OE2 . GLU A 1 55 ? -6.553  -13.638 -5.487  1.00 59.28 ? 694 GLU A OE2 1 
ATOM   172 N N   . ILE A 1 56 ? -7.084  -9.304  -9.227  1.00 43.72 ? 695 ILE A N   1 
ATOM   173 C CA  . ILE A 1 56 ? -6.351  -8.137  -9.685  1.00 40.49 ? 695 ILE A CA  1 
ATOM   174 C C   . ILE A 1 56 ? -6.943  -6.826  -9.183  1.00 48.04 ? 695 ILE A C   1 
ATOM   175 O O   . ILE A 1 56 ? -6.214  -5.868  -8.900  1.00 53.13 ? 695 ILE A O   1 
ATOM   176 C CB  . ILE A 1 56 ? -6.322  -8.097  -11.211 1.00 42.32 ? 695 ILE A CB  1 
ATOM   177 C CG1 . ILE A 1 56 ? -5.607  -9.349  -11.738 1.00 40.93 ? 695 ILE A CG1 1 
ATOM   178 C CG2 . ILE A 1 56 ? -5.673  -6.787  -11.701 1.00 38.25 ? 695 ILE A CG2 1 
ATOM   179 C CD1 . ILE A 1 56 ? -5.595  -9.459  -13.264 1.00 39.75 ? 695 ILE A CD1 1 
ATOM   180 N N   . ALA A 1 57 ? -8.263  -6.774  -9.080  1.00 47.52 ? 696 ALA A N   1 
ATOM   181 C CA  . ALA A 1 57 ? -8.920  -5.561  -8.610  1.00 46.10 ? 696 ALA A CA  1 
ATOM   182 C C   . ALA A 1 57 ? -8.639  -5.368  -7.137  1.00 43.77 ? 696 ALA A C   1 
ATOM   183 O O   . ALA A 1 57 ? -8.286  -4.278  -6.721  1.00 47.26 ? 696 ALA A O   1 
ATOM   184 C CB  . ALA A 1 57 ? -10.436 -5.636  -8.843  1.00 42.72 ? 696 ALA A CB  1 
ATOM   185 N N   . ARG A 1 58 ? -8.791  -6.435  -6.356  1.00 42.32 ? 697 ARG A N   1 
ATOM   186 C CA  . ARG A 1 58 ? -8.563  -6.372  -4.918  1.00 44.08 ? 697 ARG A CA  1 
ATOM   187 C C   . ARG A 1 58 ? -7.113  -6.038  -4.571  1.00 46.64 ? 697 ARG A C   1 
ATOM   188 O O   . ARG A 1 58 ? -6.839  -5.240  -3.686  1.00 48.26 ? 697 ARG A O   1 
ATOM   189 C CB  . ARG A 1 58 ? -8.937  -7.687  -4.252  1.00 33.53 ? 697 ARG A CB  1 
ATOM   190 C CG  . ARG A 1 58 ? -8.990  -7.550  -2.741  1.00 38.95 ? 697 ARG A CG  1 
ATOM   191 C CD  . ARG A 1 58 ? -9.262  -8.848  -1.991  1.00 34.97 ? 697 ARG A CD  1 
ATOM   192 N NE  . ARG A 1 58 ? -8.148  -9.792  -2.112  1.00 48.26 ? 697 ARG A NE  1 
ATOM   193 C CZ  . ARG A 1 58 ? -8.128  -10.825 -2.950  1.00 48.22 ? 697 ARG A CZ  1 
ATOM   194 N NH1 . ARG A 1 58 ? -7.073  -11.623 -2.996  1.00 46.49 ? 697 ARG A NH1 1 
ATOM   195 N NH2 . ARG A 1 58 ? -9.170  -11.069 -3.735  1.00 52.42 ? 697 ARG A NH2 1 
ATOM   196 N N   . LEU A 1 59 ? -6.187  -6.666  -5.279  1.00 49.03 ? 698 LEU A N   1 
ATOM   197 C CA  . LEU A 1 59 ? -4.779  -6.442  -5.048  1.00 44.12 ? 698 LEU A CA  1 
ATOM   198 C C   . LEU A 1 59 ? -4.386  -5.011  -5.373  1.00 43.92 ? 698 LEU A C   1 
ATOM   199 O O   . LEU A 1 59 ? -3.540  -4.427  -4.703  1.00 41.09 ? 698 LEU A O   1 
ATOM   200 C CB  . LEU A 1 59 ? -3.953  -7.448  -5.866  1.00 44.65 ? 698 LEU A CB  1 
ATOM   201 C CG  . LEU A 1 59 ? -3.880  -8.859  -5.260  1.00 35.41 ? 698 LEU A CG  1 
ATOM   202 C CD1 . LEU A 1 59 ? -3.377  -9.825  -6.286  1.00 35.40 ? 698 LEU A CD1 1 
ATOM   203 C CD2 . LEU A 1 59 ? -2.966  -8.854  -4.061  1.00 45.11 ? 698 LEU A CD2 1 
ATOM   204 N N   . SER A 1 60 ? -4.995  -4.441  -6.403  1.00 46.84 ? 699 SER A N   1 
ATOM   205 C CA  . SER A 1 60 ? -4.693  -3.059  -6.774  1.00 46.02 ? 699 SER A CA  1 
ATOM   206 C C   . SER A 1 60 ? -5.134  -2.096  -5.671  1.00 45.49 ? 699 SER A C   1 
ATOM   207 O O   . SER A 1 60 ? -4.418  -1.168  -5.318  1.00 42.14 ? 699 SER A O   1 
ATOM   208 C CB  . SER A 1 60 ? -5.386  -2.706  -8.078  1.00 42.83 ? 699 SER A CB  1 
ATOM   209 O OG  . SER A 1 60 ? -4.769  -3.404  -9.138  1.00 43.31 ? 699 SER A OG  1 
ATOM   210 N N   . LYS A 1 61 ? -6.315  -2.349  -5.124  1.00 42.26 ? 700 LYS A N   1 
ATOM   211 C CA  . LYS A 1 61 ? -6.860  -1.539  -4.063  1.00 44.93 ? 700 LYS A CA  1 
ATOM   212 C C   . LYS A 1 61 ? -5.938  -1.669  -2.850  1.00 45.80 ? 700 LYS A C   1 
ATOM   213 O O   . LYS A 1 61 ? -5.515  -0.674  -2.260  1.00 45.39 ? 700 LYS A O   1 
ATOM   214 C CB  . LYS A 1 61 ? -8.282  -2.017  -3.736  1.00 47.52 ? 700 LYS A CB  1 
ATOM   215 C CG  . LYS A 1 61 ? -8.946  -1.270  -2.601  1.00 60.56 ? 700 LYS A CG  1 
ATOM   216 C CD  . LYS A 1 61 ? -9.757  -2.199  -1.687  1.00 75.18 ? 700 LYS A CD  1 
ATOM   217 C CE  . LYS A 1 61 ? -10.201 -1.463  -0.403  1.00 85.66 ? 700 LYS A CE  1 
ATOM   218 N NZ  . LYS A 1 61 ? -11.005 -2.308  0.544   1.00 87.76 ? 700 LYS A NZ  1 
ATOM   219 N N   . GLU A 1 62 ? -5.618  -2.906  -2.490  1.00 48.65 ? 701 GLU A N   1 
ATOM   220 C CA  . GLU A 1 62 ? -4.736  -3.174  -1.361  1.00 42.25 ? 701 GLU A CA  1 
ATOM   221 C C   . GLU A 1 62 ? -3.359  -2.517  -1.529  1.00 41.07 ? 701 GLU A C   1 
ATOM   222 O O   . GLU A 1 62 ? -2.769  -2.042  -0.563  1.00 36.60 ? 701 GLU A O   1 
ATOM   223 C CB  . GLU A 1 62 ? -4.586  -4.676  -1.182  1.00 41.11 ? 701 GLU A CB  1 
ATOM   224 C CG  . GLU A 1 62 ? -5.840  -5.322  -0.629  1.00 44.03 ? 701 GLU A CG  1 
ATOM   225 C CD  . GLU A 1 62 ? -5.798  -6.848  -0.661  1.00 50.96 ? 701 GLU A CD  1 
ATOM   226 O OE1 . GLU A 1 62 ? -6.623  -7.484  0.046   1.00 48.37 ? 701 GLU A OE1 1 
ATOM   227 O OE2 . GLU A 1 62 ? -4.949  -7.403  -1.400  1.00 44.43 ? 701 GLU A OE2 1 
ATOM   228 N N   . ILE A 1 63 ? -2.869  -2.491  -2.762  1.00 38.05 ? 702 ILE A N   1 
ATOM   229 C CA  . ILE A 1 63 ? -1.577  -1.903  -3.067  1.00 41.65 ? 702 ILE A CA  1 
ATOM   230 C C   . ILE A 1 63 ? -1.651  -0.399  -2.819  1.00 46.31 ? 702 ILE A C   1 
ATOM   231 O O   . ILE A 1 63 ? -0.723  0.197   -2.278  1.00 47.28 ? 702 ILE A O   1 
ATOM   232 C CB  . ILE A 1 63 ? -1.168  -2.228  -4.543  1.00 41.35 ? 702 ILE A CB  1 
ATOM   233 C CG1 . ILE A 1 63 ? -0.696  -3.691  -4.622  1.00 40.07 ? 702 ILE A CG1 1 
ATOM   234 C CG2 . ILE A 1 63 ? -0.047  -1.314  -5.035  1.00 26.39 ? 702 ILE A CG2 1 
ATOM   235 C CD1 . ILE A 1 63 ? -0.492  -4.214  -6.053  1.00 42.84 ? 702 ILE A CD1 1 
ATOM   236 N N   . ASP A 1 64 ? -2.771  0.202   -3.210  1.00 50.16 ? 703 ASP A N   1 
ATOM   237 C CA  . ASP A 1 64 ? -3.000  1.623   -2.999  1.00 46.67 ? 703 ASP A CA  1 
ATOM   238 C C   . ASP A 1 64 ? -3.027  1.918   -1.512  1.00 45.53 ? 703 ASP A C   1 
ATOM   239 O O   . ASP A 1 64 ? -2.373  2.856   -1.057  1.00 42.69 ? 703 ASP A O   1 
ATOM   240 C CB  . ASP A 1 64 ? -4.319  2.065   -3.626  1.00 50.14 ? 703 ASP A CB  1 
ATOM   241 C CG  . ASP A 1 64 ? -4.170  2.396   -5.086  1.00 58.49 ? 703 ASP A CG  1 
ATOM   242 O OD1 . ASP A 1 64 ? -5.195  2.586   -5.783  1.00 63.82 ? 703 ASP A OD1 1 
ATOM   243 O OD2 . ASP A 1 64 ? -3.010  2.470   -5.535  1.00 66.61 ? 703 ASP A OD2 1 
ATOM   244 N N   . GLN A 1 65 ? -3.764  1.103   -0.762  1.00 34.96 ? 704 GLN A N   1 
ATOM   245 C CA  . GLN A 1 65 ? -3.862  1.280   0.677   1.00 40.45 ? 704 GLN A CA  1 
ATOM   246 C C   . GLN A 1 65 ? -2.510  1.194   1.353   1.00 42.17 ? 704 GLN A C   1 
ATOM   247 O O   . GLN A 1 65 ? -2.214  1.978   2.255   1.00 49.18 ? 704 GLN A O   1 
ATOM   248 C CB  . GLN A 1 65 ? -4.807  0.242   1.289   1.00 40.39 ? 704 GLN A CB  1 
ATOM   249 C CG  . GLN A 1 65 ? -6.153  0.152   0.568   1.00 58.27 ? 704 GLN A CG  1 
ATOM   250 C CD  . GLN A 1 65 ? -7.167  -0.727  1.299   1.00 68.44 ? 704 GLN A CD  1 
ATOM   251 O OE1 . GLN A 1 65 ? -7.693  -0.346  2.344   1.00 75.30 ? 704 GLN A OE1 1 
ATOM   252 N NE2 . GLN A 1 65 ? -7.436  -1.906  0.754   1.00 71.23 ? 704 GLN A NE2 1 
ATOM   253 N N   . LEU A 1 66 ? -1.686  0.246   0.912   1.00 43.38 ? 705 LEU A N   1 
ATOM   254 C CA  . LEU A 1 66 ? -0.362  0.062   1.480   1.00 38.18 ? 705 LEU A CA  1 
ATOM   255 C C   . LEU A 1 66 ? 0.573   1.212   1.094   1.00 36.92 ? 705 LEU A C   1 
ATOM   256 O O   . LEU A 1 66 ? 1.447   1.584   1.877   1.00 39.87 ? 705 LEU A O   1 
ATOM   257 C CB  . LEU A 1 66 ? 0.219   -1.301  1.060   1.00 34.43 ? 705 LEU A CB  1 
ATOM   258 C CG  . LEU A 1 66 ? -0.422  -2.545  1.688   1.00 32.96 ? 705 LEU A CG  1 
ATOM   259 C CD1 . LEU A 1 66 ? -0.026  -3.756  0.889   1.00 35.66 ? 705 LEU A CD1 1 
ATOM   260 C CD2 . LEU A 1 66 ? -0.021  -2.712  3.149   1.00 28.82 ? 705 LEU A CD2 1 
ATOM   261 N N   . GLU A 1 67 ? 0.409   1.767   -0.102  1.00 34.67 ? 706 GLU A N   1 
ATOM   262 C CA  . GLU A 1 67 ? 1.222   2.921   -0.517  1.00 41.38 ? 706 GLU A CA  1 
ATOM   263 C C   . GLU A 1 67 ? 0.906   4.095   0.432   1.00 44.67 ? 706 GLU A C   1 
ATOM   264 O O   . GLU A 1 67 ? 1.795   4.809   0.881   1.00 47.05 ? 706 GLU A O   1 
ATOM   265 C CB  . GLU A 1 67 ? 0.847   3.379   -1.923  1.00 42.83 ? 706 GLU A CB  1 
ATOM   266 C CG  . GLU A 1 67 ? 1.962   3.428   -2.951  1.00 59.65 ? 706 GLU A CG  1 
ATOM   267 C CD  . GLU A 1 67 ? 3.112   4.353   -2.602  1.00 68.65 ? 706 GLU A CD  1 
ATOM   268 O OE1 . GLU A 1 67 ? 4.069   3.899   -1.917  1.00 71.08 ? 706 GLU A OE1 1 
ATOM   269 O OE2 . GLU A 1 67 ? 3.059   5.532   -3.032  1.00 77.14 ? 706 GLU A OE2 1 
ATOM   270 N N   . LYS A 1 68 ? -0.383  4.282   0.702   1.00 34.50 ? 707 LYS A N   1 
ATOM   271 C CA  . LYS A 1 68 ? -0.855  5.334   1.561   1.00 42.13 ? 707 LYS A CA  1 
ATOM   272 C C   . LYS A 1 68 ? -0.287  5.185   2.990   1.00 43.52 ? 707 LYS A C   1 
ATOM   273 O O   . LYS A 1 68 ? 0.229   6.161   3.555   1.00 40.57 ? 707 LYS A O   1 
ATOM   274 C CB  . LYS A 1 68 ? -2.385  5.325   1.578   1.00 44.53 ? 707 LYS A CB  1 
ATOM   275 C CG  . LYS A 1 68 ? -2.999  6.473   2.333   1.00 49.29 ? 707 LYS A CG  1 
ATOM   276 C CD  . LYS A 1 68 ? -4.497  6.300   2.499   1.00 46.50 ? 707 LYS A CD  1 
ATOM   277 C CE  . LYS A 1 68 ? -5.073  7.426   3.346   1.00 55.90 ? 707 LYS A CE  1 
ATOM   278 N NZ  . LYS A 1 68 ? -6.370  7.063   3.991   1.00 56.17 ? 707 LYS A NZ  1 
ATOM   279 N N   . MET A 1 69 ? -0.382  3.978   3.557   1.00 38.29 ? 708 MET A N   1 
ATOM   280 C CA  . MET A 1 69 ? 0.142   3.711   4.896   1.00 36.36 ? 708 MET A CA  1 
ATOM   281 C C   . MET A 1 69 ? 1.647   3.969   4.924   1.00 37.21 ? 708 MET A C   1 
ATOM   282 O O   . MET A 1 69 ? 2.188   4.450   5.913   1.00 39.95 ? 708 MET A O   1 
ATOM   283 C CB  . MET A 1 69 ? -0.132  2.265   5.320   1.00 38.94 ? 708 MET A CB  1 
ATOM   284 C CG  . MET A 1 69 ? -1.610  1.910   5.427   1.00 49.07 ? 708 MET A CG  1 
ATOM   285 S SD  . MET A 1 69 ? -1.988  0.183   5.860   1.00 44.62 ? 708 MET A SD  1 
ATOM   286 C CE  . MET A 1 69 ? -1.541  0.297   7.628   1.00 50.29 ? 708 MET A CE  1 
ATOM   287 N N   . GLN A 1 70 ? 2.321   3.680   3.824   1.00 33.17 ? 709 GLN A N   1 
ATOM   288 C CA  . GLN A 1 70 ? 3.751   3.899   3.783   1.00 38.22 ? 709 GLN A CA  1 
ATOM   289 C C   . GLN A 1 70 ? 4.078   5.395   3.714   1.00 39.62 ? 709 GLN A C   1 
ATOM   290 O O   . GLN A 1 70 ? 5.020   5.854   4.364   1.00 42.55 ? 709 GLN A O   1 
ATOM   291 C CB  . GLN A 1 70 ? 4.386   3.180   2.585   1.00 36.45 ? 709 GLN A CB  1 
ATOM   292 C CG  . GLN A 1 70 ? 5.845   2.791   2.845   1.00 47.97 ? 709 GLN A CG  1 
ATOM   293 C CD  . GLN A 1 70 ? 6.607   2.307   1.610   1.00 49.27 ? 709 GLN A CD  1 
ATOM   294 O OE1 . GLN A 1 70 ? 6.087   1.546   0.795   1.00 55.19 ? 709 GLN A OE1 1 
ATOM   295 N NE2 . GLN A 1 70 ? 7.857   2.733   1.488   1.00 50.91 ? 709 GLN A NE2 1 
ATOM   296 N N   . ASN A 1 71 ? 3.322   6.139   2.903   1.00 39.47 ? 710 ASN A N   1 
ATOM   297 C CA  . ASN A 1 71 ? 3.523   7.573   2.754   1.00 36.51 ? 710 ASN A CA  1 
ATOM   298 C C   . ASN A 1 71 ? 3.250   8.267   4.096   1.00 41.45 ? 710 ASN A C   1 
ATOM   299 O O   . ASN A 1 71 ? 3.966   9.205   4.485   1.00 36.59 ? 710 ASN A O   1 
ATOM   300 C CB  . ASN A 1 71 ? 2.590   8.140   1.693   1.00 35.20 ? 710 ASN A CB  1 
ATOM   301 C CG  . ASN A 1 71 ? 3.038   7.810   0.267   1.00 49.66 ? 710 ASN A CG  1 
ATOM   302 O OD1 . ASN A 1 71 ? 4.221   7.546   0.010   1.00 44.28 ? 710 ASN A OD1 1 
ATOM   303 N ND2 . ASN A 1 71 ? 2.084   7.842   -0.676  1.00 48.26 ? 710 ASN A ND2 1 
ATOM   304 N N   . ASN A 1 72 ? 2.211   7.799   4.786   1.00 31.46 ? 711 ASN A N   1 
ATOM   305 C CA  . ASN A 1 72 ? 1.847   8.342   6.076   1.00 41.52 ? 711 ASN A CA  1 
ATOM   306 C C   . ASN A 1 72 ? 2.937   8.095   7.114   1.00 44.71 ? 711 ASN A C   1 
ATOM   307 O O   . ASN A 1 72 ? 3.203   8.951   7.964   1.00 53.08 ? 711 ASN A O   1 
ATOM   308 C CB  . ASN A 1 72 ? 0.559   7.708   6.607   1.00 38.15 ? 711 ASN A CB  1 
ATOM   309 C CG  . ASN A 1 72 ? -0.671  8.228   5.918   1.00 42.23 ? 711 ASN A CG  1 
ATOM   310 O OD1 . ASN A 1 72 ? -0.626  9.260   5.269   1.00 43.64 ? 711 ASN A OD1 1 
ATOM   311 N ND2 . ASN A 1 72 ? -1.790  7.513   6.061   1.00 44.28 ? 711 ASN A ND2 1 
ATOM   312 N N   . SER A 1 73 ? 3.545   6.915   7.062   1.00 38.45 ? 712 SER A N   1 
ATOM   313 C CA  . SER A 1 73 ? 4.578   6.561   8.017   1.00 35.37 ? 712 SER A CA  1 
ATOM   314 C C   . SER A 1 73 ? 5.806   7.427   7.769   1.00 38.60 ? 712 SER A C   1 
ATOM   315 O O   . SER A 1 73 ? 6.528   7.776   8.693   1.00 40.35 ? 712 SER A O   1 
ATOM   316 C CB  . SER A 1 73 ? 4.927   5.065   7.891   1.00 38.34 ? 712 SER A CB  1 
ATOM   317 O OG  . SER A 1 73 ? 3.824   4.225   8.212   1.00 38.11 ? 712 SER A OG  1 
ATOM   318 N N   . LYS A 1 74 ? 6.054   7.766   6.511   1.00 39.54 ? 713 LYS A N   1 
ATOM   319 C CA  . LYS A 1 74 ? 7.193   8.603   6.181   1.00 41.44 ? 713 LYS A CA  1 
ATOM   320 C C   . LYS A 1 74 ? 6.960   10.030  6.682   1.00 42.43 ? 713 LYS A C   1 
ATOM   321 O O   . LYS A 1 74 ? 7.886   10.735  7.062   1.00 45.30 ? 713 LYS A O   1 
ATOM   322 C CB  . LYS A 1 74 ? 7.409   8.594   4.678   1.00 41.33 ? 713 LYS A CB  1 
ATOM   323 C CG  . LYS A 1 74 ? 7.909   7.264   4.166   1.00 47.06 ? 713 LYS A CG  1 
ATOM   324 C CD  . LYS A 1 74 ? 8.015   7.267   2.648   1.00 46.93 ? 713 LYS A CD  1 
ATOM   325 C CE  . LYS A 1 74 ? 8.665   5.986   2.135   1.00 49.51 ? 713 LYS A CE  1 
ATOM   326 N NZ  . LYS A 1 74 ? 8.604   5.904   0.635   1.00 58.80 ? 713 LYS A NZ  1 
ATOM   327 N N   . LEU A 1 75 ? 5.701   10.436  6.670   1.00 44.52 ? 714 LEU A N   1 
ATOM   328 C CA  . LEU A 1 75 ? 5.288   11.740  7.133   1.00 43.67 ? 714 LEU A CA  1 
ATOM   329 C C   . LEU A 1 75 ? 5.579   11.807  8.637   1.00 43.20 ? 714 LEU A C   1 
ATOM   330 O O   . LEU A 1 75 ? 6.251   12.725  9.116   1.00 40.03 ? 714 LEU A O   1 
ATOM   331 C CB  . LEU A 1 75 ? 3.792   11.902  6.901   1.00 47.76 ? 714 LEU A CB  1 
ATOM   332 C CG  . LEU A 1 75 ? 3.285   13.268  6.451   1.00 54.21 ? 714 LEU A CG  1 
ATOM   333 C CD1 . LEU A 1 75 ? 3.876   13.613  5.081   1.00 50.99 ? 714 LEU A CD1 1 
ATOM   334 C CD2 . LEU A 1 75 ? 1.763   13.223  6.379   1.00 55.85 ? 714 LEU A CD2 1 
ATOM   335 N N   . LEU A 1 76 ? 5.073   10.825  9.372   1.00 36.35 ? 715 LEU A N   1 
ATOM   336 C CA  . LEU A 1 76 ? 5.287   10.778  10.804  1.00 38.16 ? 715 LEU A CA  1 
ATOM   337 C C   . LEU A 1 76 ? 6.765   10.714  11.108  1.00 41.67 ? 715 LEU A C   1 
ATOM   338 O O   . LEU A 1 76 ? 7.259   11.428  11.981  1.00 49.82 ? 715 LEU A O   1 
ATOM   339 C CB  . LEU A 1 76 ? 4.557   9.582   11.403  1.00 34.32 ? 715 LEU A CB  1 
ATOM   340 C CG  . LEU A 1 76 ? 3.040   9.743   11.269  1.00 38.25 ? 715 LEU A CG  1 
ATOM   341 C CD1 . LEU A 1 76 ? 2.298   8.522   11.749  1.00 37.87 ? 715 LEU A CD1 1 
ATOM   342 C CD2 . LEU A 1 76 ? 2.611   10.956  12.069  1.00 40.08 ? 715 LEU A CD2 1 
ATOM   343 N N   . ARG A 1 77 ? 7.478   9.883   10.361  1.00 44.81 ? 716 ARG A N   1 
ATOM   344 C CA  . ARG A 1 77 ? 8.908   9.721   10.553  1.00 44.10 ? 716 ARG A CA  1 
ATOM   345 C C   . ARG A 1 77 ? 9.656   11.023  10.243  1.00 43.07 ? 716 ARG A C   1 
ATOM   346 O O   . ARG A 1 77 ? 10.607  11.390  10.936  1.00 47.99 ? 716 ARG A O   1 
ATOM   347 C CB  . ARG A 1 77 ? 9.389   8.547   9.691   1.00 47.50 ? 716 ARG A CB  1 
ATOM   348 C CG  . ARG A 1 77 ? 10.742  8.715   9.059   1.00 52.64 ? 716 ARG A CG  1 
ATOM   349 C CD  . ARG A 1 77 ? 11.759  7.832   9.696   1.00 47.68 ? 716 ARG A CD  1 
ATOM   350 N NE  . ARG A 1 77 ? 12.025  6.560   9.002   1.00 68.70 ? 716 ARG A NE  1 
ATOM   351 C CZ  . ARG A 1 77 ? 12.158  6.371   7.680   1.00 62.20 ? 716 ARG A CZ  1 
ATOM   352 N NH1 . ARG A 1 77 ? 12.428  5.156   7.228   1.00 63.20 ? 716 ARG A NH1 1 
ATOM   353 N NH2 . ARG A 1 77 ? 11.975  7.351   6.807   1.00 58.13 ? 716 ARG A NH2 1 
ATOM   354 N N   . ASN A 1 78 ? 9.222   11.731  9.216   1.00 36.51 ? 717 ASN A N   1 
ATOM   355 C CA  . ASN A 1 78 ? 9.855   13.004  8.865   1.00 46.61 ? 717 ASN A CA  1 
ATOM   356 C C   . ASN A 1 78 ? 9.582   14.064  9.938   1.00 45.63 ? 717 ASN A C   1 
ATOM   357 O O   . ASN A 1 78 ? 10.438  14.892  10.228  1.00 43.60 ? 717 ASN A O   1 
ATOM   358 C CB  . ASN A 1 78 ? 9.326   13.525  7.519   1.00 42.87 ? 717 ASN A CB  1 
ATOM   359 C CG  . ASN A 1 78 ? 9.923   12.795  6.337   1.00 54.00 ? 717 ASN A CG  1 
ATOM   360 O OD1 . ASN A 1 78 ? 9.364   12.830  5.240   1.00 60.40 ? 717 ASN A OD1 1 
ATOM   361 N ND2 . ASN A 1 78 ? 11.068  12.130  6.546   1.00 56.55 ? 717 ASN A ND2 1 
ATOM   362 N N   . LYS A 1 79 ? 8.373   14.038  10.491  1.00 46.55 ? 718 LYS A N   1 
ATOM   363 C CA  . LYS A 1 79 ? 7.967   14.968  11.523  1.00 47.08 ? 718 LYS A CA  1 
ATOM   364 C C   . LYS A 1 79 ? 8.916   14.775  12.702  1.00 49.94 ? 718 LYS A C   1 
ATOM   365 O O   . LYS A 1 79 ? 9.536   15.722  13.194  1.00 49.90 ? 718 LYS A O   1 
ATOM   366 C CB  . LYS A 1 79 ? 6.535   14.666  11.957  1.00 44.68 ? 718 LYS A CB  1 
ATOM   367 C CG  . LYS A 1 79 ? 5.921   15.769  12.781  1.00 54.72 ? 718 LYS A CG  1 
ATOM   368 C CD  . LYS A 1 79 ? 4.647   15.324  13.464  1.00 62.35 ? 718 LYS A CD  1 
ATOM   369 C CE  . LYS A 1 79 ? 4.205   16.371  14.493  1.00 70.51 ? 718 LYS A CE  1 
ATOM   370 N NZ  . LYS A 1 79 ? 3.144   15.876  15.423  1.00 74.45 ? 718 LYS A NZ  1 
ATOM   371 N N   . ALA A 1 80 ? 9.033   13.522  13.128  1.00 46.90 ? 719 ALA A N   1 
ATOM   372 C CA  . ALA A 1 80 ? 9.892   13.153  14.228  1.00 41.96 ? 719 ALA A CA  1 
ATOM   373 C C   . ALA A 1 80 ? 11.359  13.574  13.997  1.00 46.34 ? 719 ALA A C   1 
ATOM   374 O O   . ALA A 1 80 ? 12.048  13.992  14.929  1.00 48.07 ? 719 ALA A O   1 
ATOM   375 C CB  . ALA A 1 80 ? 9.788   11.640  14.465  1.00 40.13 ? 719 ALA A CB  1 
ATOM   376 N N   . VAL A 1 81 ? 11.852  13.459  12.770  1.00 46.91 ? 720 VAL A N   1 
ATOM   377 C CA  . VAL A 1 81 ? 13.232  13.863  12.493  1.00 46.93 ? 720 VAL A CA  1 
ATOM   378 C C   . VAL A 1 81 ? 13.376  15.400  12.609  1.00 49.88 ? 720 VAL A C   1 
ATOM   379 O O   . VAL A 1 81 ? 14.382  15.901  13.115  1.00 51.60 ? 720 VAL A O   1 
ATOM   380 C CB  . VAL A 1 81 ? 13.680  13.334  11.074  1.00 46.74 ? 720 VAL A CB  1 
ATOM   381 C CG1 . VAL A 1 81 ? 14.901  14.086  10.546  1.00 34.78 ? 720 VAL A CG1 1 
ATOM   382 C CG2 . VAL A 1 81 ? 14.017  11.841  11.175  1.00 41.00 ? 720 VAL A CG2 1 
ATOM   383 N N   . GLN A 1 82 ? 12.361  16.133  12.148  1.00 46.25 ? 721 GLN A N   1 
ATOM   384 C CA  . GLN A 1 82 ? 12.339  17.592  12.212  1.00 51.77 ? 721 GLN A CA  1 
ATOM   385 C C   . GLN A 1 82 ? 12.338  18.013  13.691  1.00 55.89 ? 721 GLN A C   1 
ATOM   386 O O   . GLN A 1 82 ? 13.115  18.878  14.121  1.00 51.21 ? 721 GLN A O   1 
ATOM   387 C CB  . GLN A 1 82 ? 11.071  18.107  11.540  1.00 50.91 ? 721 GLN A CB  1 
ATOM   388 C CG  . GLN A 1 82 ? 10.906  19.607  11.555  1.00 71.76 ? 721 GLN A CG  1 
ATOM   389 C CD  . GLN A 1 82 ? 9.437   20.019  11.631  1.00 85.44 ? 721 GLN A CD  1 
ATOM   390 O OE1 . GLN A 1 82 ? 8.640   19.719  10.731  1.00 89.90 ? 721 GLN A OE1 1 
ATOM   391 N NE2 . GLN A 1 82 ? 9.069   20.704  12.718  1.00 90.06 ? 721 GLN A NE2 1 
ATOM   392 N N   . LEU A 1 83 ? 11.434  17.393  14.445  1.00 50.59 ? 722 LEU A N   1 
ATOM   393 C CA  . LEU A 1 83 ? 11.283  17.607  15.871  1.00 48.08 ? 722 LEU A CA  1 
ATOM   394 C C   . LEU A 1 83 ? 12.631  17.338  16.561  1.00 50.53 ? 722 LEU A C   1 
ATOM   395 O O   . LEU A 1 83 ? 13.030  18.037  17.490  1.00 54.31 ? 722 LEU A O   1 
ATOM   396 C CB  . LEU A 1 83 ? 10.233  16.637  16.387  1.00 43.14 ? 722 LEU A CB  1 
ATOM   397 C CG  . LEU A 1 83 ? 8.955   17.089  17.098  1.00 46.75 ? 722 LEU A CG  1 
ATOM   398 C CD1 . LEU A 1 83 ? 8.635   18.492  16.744  1.00 37.80 ? 722 LEU A CD1 1 
ATOM   399 C CD2 . LEU A 1 83 ? 7.790   16.152  16.728  1.00 30.66 ? 722 LEU A CD2 1 
ATOM   400 N N   . GLU A 1 84 ? 13.340  16.327  16.089  1.00 51.32 ? 723 GLU A N   1 
ATOM   401 C CA  . GLU A 1 84 ? 14.626  15.979  16.669  1.00 53.53 ? 723 GLU A CA  1 
ATOM   402 C C   . GLU A 1 84 ? 15.676  17.032  16.355  1.00 53.73 ? 723 GLU A C   1 
ATOM   403 O O   . GLU A 1 84 ? 16.516  17.353  17.195  1.00 56.32 ? 723 GLU A O   1 
ATOM   404 C CB  . GLU A 1 84 ? 15.069  14.619  16.151  1.00 54.60 ? 723 GLU A CB  1 
ATOM   405 C CG  . GLU A 1 84 ? 16.406  14.147  16.637  1.00 64.31 ? 723 GLU A CG  1 
ATOM   406 C CD  . GLU A 1 84 ? 16.786  12.817  16.007  1.00 77.83 ? 723 GLU A CD  1 
ATOM   407 O OE1 . GLU A 1 84 ? 17.069  12.801  14.782  1.00 79.20 ? 723 GLU A OE1 1 
ATOM   408 O OE2 . GLU A 1 84 ? 16.785  11.788  16.730  1.00 77.37 ? 723 GLU A OE2 1 
ATOM   409 N N   . SER A 1 85 ? 15.648  17.591  15.156  1.00 47.52 ? 724 SER A N   1 
ATOM   410 C CA  . SER A 1 85 ? 16.644  18.608  14.877  1.00 51.49 ? 724 SER A CA  1 
ATOM   411 C C   . SER A 1 85 ? 16.276  19.923  15.595  1.00 48.97 ? 724 SER A C   1 
ATOM   412 O O   . SER A 1 85 ? 17.137  20.754  15.856  1.00 52.14 ? 724 SER A O   1 
ATOM   413 C CB  . SER A 1 85 ? 16.819  18.816  13.357  1.00 47.29 ? 724 SER A CB  1 
ATOM   414 O OG  . SER A 1 85 ? 15.599  19.160  12.757  1.00 57.37 ? 724 SER A OG  1 
ATOM   415 N N   . GLU A 1 86 ? 15.002  20.118  15.910  1.00 45.47 ? 725 GLU A N   1 
ATOM   416 C CA  . GLU A 1 86 ? 14.594  21.313  16.637  1.00 47.67 ? 725 GLU A CA  1 
ATOM   417 C C   . GLU A 1 86 ? 15.098  21.155  18.083  1.00 48.52 ? 725 GLU A C   1 
ATOM   418 O O   . GLU A 1 86 ? 15.570  22.111  18.702  1.00 43.58 ? 725 GLU A O   1 
ATOM   419 C CB  . GLU A 1 86 ? 13.080  21.453  16.624  1.00 46.86 ? 725 GLU A CB  1 
ATOM   420 C CG  . GLU A 1 86 ? 12.564  22.380  15.552  1.00 60.21 ? 725 GLU A CG  1 
ATOM   421 C CD  . GLU A 1 86 ? 11.071  22.194  15.302  1.00 71.91 ? 725 GLU A CD  1 
ATOM   422 O OE1 . GLU A 1 86 ? 10.297  22.105  16.284  1.00 77.00 ? 725 GLU A OE1 1 
ATOM   423 O OE2 . GLU A 1 86 ? 10.669  22.144  14.120  1.00 76.24 ? 725 GLU A OE2 1 
ATOM   424 N N   . LEU A 1 87 ? 14.994  19.934  18.600  1.00 43.67 ? 726 LEU A N   1 
ATOM   425 C CA  . LEU A 1 87 ? 15.467  19.607  19.936  1.00 48.03 ? 726 LEU A CA  1 
ATOM   426 C C   . LEU A 1 87 ? 16.963  19.934  20.050  1.00 50.28 ? 726 LEU A C   1 
ATOM   427 O O   . LEU A 1 87 ? 17.403  20.526  21.036  1.00 50.88 ? 726 LEU A O   1 
ATOM   428 C CB  . LEU A 1 87 ? 15.275  18.119  20.213  1.00 45.64 ? 726 LEU A CB  1 
ATOM   429 C CG  . LEU A 1 87 ? 14.580  17.639  21.488  1.00 54.64 ? 726 LEU A CG  1 
ATOM   430 C CD1 . LEU A 1 87 ? 15.222  16.314  21.899  1.00 50.21 ? 726 LEU A CD1 1 
ATOM   431 C CD2 . LEU A 1 87 ? 14.698  18.663  22.608  1.00 50.99 ? 726 LEU A CD2 1 
ATOM   432 N N   . GLU A 1 88 ? 17.742  19.539  19.042  1.00 52.41 ? 727 GLU A N   1 
ATOM   433 C CA  . GLU A 1 88 ? 19.173  19.795  19.073  1.00 54.04 ? 727 GLU A CA  1 
ATOM   434 C C   . GLU A 1 88 ? 19.482  21.295  18.969  1.00 48.78 ? 727 GLU A C   1 
ATOM   435 O O   . GLU A 1 88 ? 20.459  21.773  19.532  1.00 49.35 ? 727 GLU A O   1 
ATOM   436 C CB  . GLU A 1 88 ? 19.894  18.983  17.978  1.00 60.20 ? 727 GLU A CB  1 
ATOM   437 C CG  . GLU A 1 88 ? 19.743  19.517  16.553  1.00 87.84 ? 727 GLU A CG  1 
ATOM   438 C CD  . GLU A 1 88 ? 20.200  18.517  15.463  1.00 98.68 ? 727 GLU A CD  1 
ATOM   439 O OE1 . GLU A 1 88 ? 20.375  18.948  14.284  1.00 97.47 ? 727 GLU A OE1 1 
ATOM   440 O OE2 . GLU A 1 88 ? 20.368  17.310  15.784  1.00 99.67 ? 727 GLU A OE2 1 
ATOM   441 N N   . ASN A 1 89 ? 18.650  22.052  18.277  1.00 43.23 ? 728 ASN A N   1 
ATOM   442 C CA  . ASN A 1 89 ? 18.900  23.475  18.199  1.00 49.75 ? 728 ASN A CA  1 
ATOM   443 C C   . ASN A 1 89 ? 18.639  24.086  19.566  1.00 55.10 ? 728 ASN A C   1 
ATOM   444 O O   . ASN A 1 89 ? 19.352  24.988  20.007  1.00 56.40 ? 728 ASN A O   1 
ATOM   445 C CB  . ASN A 1 89 ? 18.003  24.141  17.157  1.00 52.96 ? 728 ASN A CB  1 
ATOM   446 C CG  . ASN A 1 89 ? 18.384  23.754  15.742  1.00 58.11 ? 728 ASN A CG  1 
ATOM   447 O OD1 . ASN A 1 89 ? 19.563  23.620  15.425  1.00 58.94 ? 728 ASN A OD1 1 
ATOM   448 N ND2 . ASN A 1 89 ? 17.390  23.582  14.884  1.00 60.00 ? 728 ASN A ND2 1 
ATOM   449 N N   . PHE A 1 90 ? 17.601  23.585  20.224  1.00 54.10 ? 729 PHE A N   1 
ATOM   450 C CA  . PHE A 1 90 ? 17.221  24.047  21.542  1.00 52.64 ? 729 PHE A CA  1 
ATOM   451 C C   . PHE A 1 90 ? 18.352  23.751  22.520  1.00 51.03 ? 729 PHE A C   1 
ATOM   452 O O   . PHE A 1 90 ? 18.747  24.579  23.344  1.00 47.74 ? 729 PHE A O   1 
ATOM   453 C CB  . PHE A 1 90 ? 15.971  23.311  22.011  1.00 51.34 ? 729 PHE A CB  1 
ATOM   454 C CG  . PHE A 1 90 ? 15.565  23.668  23.403  1.00 46.04 ? 729 PHE A CG  1 
ATOM   455 C CD1 . PHE A 1 90 ? 14.807  24.802  23.648  1.00 43.58 ? 729 PHE A CD1 1 
ATOM   456 C CD2 . PHE A 1 90 ? 16.002  22.908  24.477  1.00 40.23 ? 729 PHE A CD2 1 
ATOM   457 C CE1 . PHE A 1 90 ? 14.492  25.175  24.953  1.00 46.91 ? 729 PHE A CE1 1 
ATOM   458 C CE2 . PHE A 1 90 ? 15.697  23.272  25.774  1.00 41.90 ? 729 PHE A CE2 1 
ATOM   459 C CZ  . PHE A 1 90 ? 14.938  24.410  26.013  1.00 37.08 ? 729 PHE A CZ  1 
ATOM   460 N N   . SER A 1 91 ? 18.856  22.539  22.413  1.00 47.90 ? 730 SER A N   1 
ATOM   461 C CA  . SER A 1 91 ? 19.923  22.084  23.257  1.00 50.09 ? 730 SER A CA  1 
ATOM   462 C C   . SER A 1 91 ? 21.239  22.835  23.009  1.00 53.43 ? 730 SER A C   1 
ATOM   463 O O   . SER A 1 91 ? 21.930  23.213  23.948  1.00 55.12 ? 730 SER A O   1 
ATOM   464 C CB  . SER A 1 91 ? 20.109  20.593  23.037  1.00 45.49 ? 730 SER A CB  1 
ATOM   465 O OG  . SER A 1 91 ? 21.287  20.160  23.678  1.00 61.78 ? 730 SER A OG  1 
ATOM   466 N N   . LYS A 1 92 ? 21.594  23.069  21.754  1.00 54.36 ? 731 LYS A N   1 
ATOM   467 C CA  . LYS A 1 92 ? 22.844  23.765  21.505  1.00 59.45 ? 731 LYS A CA  1 
ATOM   468 C C   . LYS A 1 92 ? 22.772  25.178  22.060  1.00 53.85 ? 731 LYS A C   1 
ATOM   469 O O   . LYS A 1 92 ? 23.791  25.759  22.402  1.00 61.72 ? 731 LYS A O   1 
ATOM   470 C CB  . LYS A 1 92 ? 23.180  23.817  20.013  1.00 63.75 ? 731 LYS A CB  1 
ATOM   471 C CG  . LYS A 1 92 ? 22.398  24.862  19.244  1.00 77.70 ? 731 LYS A CG  1 
ATOM   472 C CD  . LYS A 1 92 ? 23.242  25.502  18.136  1.00 84.01 ? 731 LYS A CD  1 
ATOM   473 C CE  . LYS A 1 92 ? 24.328  26.436  18.685  1.00 80.29 ? 731 LYS A CE  1 
ATOM   474 N NZ  . LYS A 1 92 ? 24.963  27.227  17.584  1.00 83.90 ? 731 LYS A NZ  1 
ATOM   475 N N   . GLN A 1 93 ? 21.574  25.735  22.151  1.00 49.63 ? 732 GLN A N   1 
ATOM   476 C CA  . GLN A 1 93 ? 21.427  27.078  22.690  1.00 49.57 ? 732 GLN A CA  1 
ATOM   477 C C   . GLN A 1 93 ? 21.334  27.119  24.230  1.00 54.27 ? 732 GLN A C   1 
ATOM   478 O O   . GLN A 1 93 ? 21.991  27.945  24.861  1.00 52.69 ? 732 GLN A O   1 
ATOM   479 C CB  . GLN A 1 93 ? 20.198  27.766  22.112  1.00 40.80 ? 732 GLN A CB  1 
ATOM   480 C CG  . GLN A 1 93 ? 19.974  29.132  22.715  1.00 58.69 ? 732 GLN A CG  1 
ATOM   481 C CD  . GLN A 1 93 ? 18.745  29.868  22.181  1.00 72.69 ? 732 GLN A CD  1 
ATOM   482 O OE1 . GLN A 1 93 ? 18.373  30.933  22.705  1.00 77.03 ? 732 GLN A OE1 1 
ATOM   483 N NE2 . GLN A 1 93 ? 18.115  29.320  21.135  1.00 74.04 ? 732 GLN A NE2 1 
ATOM   484 N N   . PHE A 1 94 ? 20.542  26.227  24.828  1.00 47.81 ? 733 PHE A N   1 
ATOM   485 C CA  . PHE A 1 94 ? 20.356  26.225  26.270  1.00 43.66 ? 733 PHE A CA  1 
ATOM   486 C C   . PHE A 1 94 ? 21.193  25.243  27.098  1.00 48.05 ? 733 PHE A C   1 
ATOM   487 O O   . PHE A 1 94 ? 21.202  25.338  28.326  1.00 47.85 ? 733 PHE A O   1 
ATOM   488 C CB  . PHE A 1 94 ? 18.866  26.008  26.618  1.00 38.30 ? 733 PHE A CB  1 
ATOM   489 C CG  . PHE A 1 94 ? 17.946  27.078  26.086  1.00 39.56 ? 733 PHE A CG  1 
ATOM   490 C CD1 . PHE A 1 94 ? 17.402  26.986  24.806  1.00 44.83 ? 733 PHE A CD1 1 
ATOM   491 C CD2 . PHE A 1 94 ? 17.610  28.178  26.869  1.00 41.29 ? 733 PHE A CD2 1 
ATOM   492 C CE1 . PHE A 1 94 ? 16.531  27.987  24.313  1.00 42.69 ? 733 PHE A CE1 1 
ATOM   493 C CE2 . PHE A 1 94 ? 16.741  29.191  26.388  1.00 40.89 ? 733 PHE A CE2 1 
ATOM   494 C CZ  . PHE A 1 94 ? 16.203  29.089  25.111  1.00 43.39 ? 733 PHE A CZ  1 
ATOM   495 N N   . LEU A 1 95 ? 21.894  24.305  26.477  1.00 47.47 ? 734 LEU A N   1 
ATOM   496 C CA  . LEU A 1 95 ? 22.668  23.364  27.283  1.00 47.02 ? 734 LEU A CA  1 
ATOM   497 C C   . LEU A 1 95 ? 24.139  23.303  26.943  1.00 54.17 ? 734 LEU A C   1 
ATOM   498 O O   . LEU A 1 95 ? 24.888  22.534  27.540  1.00 60.43 ? 734 LEU A O   1 
ATOM   499 C CB  . LEU A 1 95 ? 22.071  21.973  27.172  1.00 46.65 ? 734 LEU A CB  1 
ATOM   500 C CG  . LEU A 1 95 ? 20.582  21.929  27.506  1.00 52.73 ? 734 LEU A CG  1 
ATOM   501 C CD1 . LEU A 1 95 ? 20.117  20.510  27.424  1.00 41.61 ? 734 LEU A CD1 1 
ATOM   502 C CD2 . LEU A 1 95 ? 20.333  22.507  28.901  1.00 50.04 ? 734 LEU A CD2 1 
ATOM   503 N N   . HIS A 1 96 ? 24.552  24.111  25.979  1.00 60.31 ? 735 HIS A N   1 
ATOM   504 C CA  . HIS A 1 96 ? 25.941  24.148  25.554  1.00 65.93 ? 735 HIS A CA  1 
ATOM   505 C C   . HIS A 1 96 ? 26.357  25.593  25.474  1.00 67.56 ? 735 HIS A C   1 
ATOM   506 O O   . HIS A 1 96 ? 25.451  26.449  25.470  1.00 70.77 ? 735 HIS A O   1 
ATOM   507 C CB  . HIS A 1 96 ? 26.107  23.511  24.171  1.00 71.00 ? 735 HIS A CB  1 
ATOM   508 C CG  . HIS A 1 96 ? 25.923  22.029  24.166  1.00 73.71 ? 735 HIS A CG  1 
ATOM   509 N ND1 . HIS A 1 96 ? 24.699  21.431  24.370  1.00 77.41 ? 735 HIS A ND1 1 
ATOM   510 C CD2 . HIS A 1 96 ? 26.815  21.021  24.018  1.00 78.09 ? 735 HIS A CD2 1 
ATOM   511 C CE1 . HIS A 1 96 ? 24.844  20.118  24.352  1.00 79.08 ? 735 HIS A CE1 1 
ATOM   512 N NE2 . HIS A 1 96 ? 26.119  19.843  24.140  1.00 80.87 ? 735 HIS A NE2 1 
ATOM   513 O OXT . HIS A 1 96 ? 27.577  25.845  25.397  1.00 76.03 ? 735 HIS A OXT 1 
HETATM 514 O O   . HOH B 2 .  ? 19.712  27.837  30.744  1.00 48.59 ? 1   HOH A O   1 
HETATM 515 O O   . HOH B 2 .  ? -16.654 -29.432 -28.134 1.00 44.38 ? 2   HOH A O   1 
HETATM 516 O O   . HOH B 2 .  ? 11.228  19.535  19.606  1.00 53.52 ? 3   HOH A O   1 
HETATM 517 O O   . HOH B 2 .  ? 3.190   2.736   10.605  1.00 48.20 ? 4   HOH A O   1 
HETATM 518 O O   . HOH B 2 .  ? 10.944  12.099  2.544   1.00 53.64 ? 5   HOH A O   1 
HETATM 519 O O   . HOH B 2 .  ? 14.180  24.555  18.736  1.00 61.65 ? 6   HOH A O   1 
HETATM 520 O O   . HOH B 2 .  ? 12.374  21.740  21.758  1.00 54.19 ? 7   HOH A O   1 
HETATM 521 O O   . HOH B 2 .  ? -5.636  -15.513 -2.819  1.00 50.51 ? 8   HOH A O   1 
HETATM 522 O O   . HOH B 2 .  ? -7.806  1.925   -5.151  1.00 56.25 ? 9   HOH A O   1 
HETATM 523 O O   . HOH B 2 .  ? -8.928  -1.124  -7.884  1.00 66.85 ? 10  HOH A O   1 
HETATM 524 O O   . HOH B 2 .  ? 6.080   15.290  8.034   1.00 55.17 ? 11  HOH A O   1 
HETATM 525 O O   . HOH B 2 .  ? 21.536  31.386  23.023  1.00 71.18 ? 12  HOH A O   1 
HETATM 526 O O   . HOH B 2 .  ? 0.791   14.702  12.522  1.00 54.30 ? 13  HOH A O   1 
HETATM 527 O O   . HOH B 2 .  ? 1.384   13.063  15.237  1.00 68.20 ? 14  HOH A O   1 
HETATM 528 O O   . HOH B 2 .  ? 2.903   14.035  17.523  1.00 58.40 ? 15  HOH A O   1 
HETATM 529 O O   . HOH B 2 .  ? 5.999   11.547  2.205   1.00 55.97 ? 16  HOH A O   1 
HETATM 530 O O   . HOH B 2 .  ? 9.411   17.746  20.413  1.00 61.46 ? 17  HOH A O   1 
HETATM 531 O O   . HOH B 2 .  ? -0.823  8.154   -0.743  1.00 58.87 ? 18  HOH A O   1 
HETATM 532 O O   . HOH B 2 .  ? -7.599  -22.364 -14.527 1.00 59.02 ? 19  HOH A O   1 
HETATM 533 O O   . HOH B 2 .  ? 16.487  27.154  20.064  1.00 73.65 ? 20  HOH A O   1 
HETATM 534 O O   . HOH B 2 .  ? -6.425  3.923   -0.209  1.00 59.22 ? 21  HOH A O   1 
HETATM 535 O O   . HOH B 2 .  ? -26.969 -32.631 -22.184 1.00 69.55 ? 22  HOH A O   1 
HETATM 536 O O   . HOH B 2 .  ? -9.214  -11.660 -21.274 1.00 67.42 ? 23  HOH A O   1 
HETATM 537 O O   . HOH B 2 .  ? 1.607   17.737  12.993  1.00 75.86 ? 24  HOH A O   1 
HETATM 538 O O   . HOH B 2 .  ? 6.045   18.990  10.425  1.00 73.46 ? 25  HOH A O   1 
HETATM 539 O O   . HOH B 2 .  ? -12.919 -22.077 -11.150 1.00 67.02 ? 26  HOH A O   1 
HETATM 540 O O   . HOH B 2 .  ? -19.185 -24.367 -31.107 1.00 65.98 ? 27  HOH A O   1 
HETATM 541 O O   . HOH B 2 .  ? 15.021  17.877  9.613   1.00 63.23 ? 28  HOH A O   1 
HETATM 542 O O   . HOH B 2 .  ? 12.013  8.834   2.716   1.00 73.45 ? 29  HOH A O   1 
HETATM 543 O O   . HOH B 2 .  ? 8.323   3.925   -2.249  1.00 69.58 ? 30  HOH A O   1 
HETATM 544 O O   . HOH B 2 .  ? -3.989  -14.500 -4.184  1.00 61.48 ? 31  HOH A O   1 
HETATM 545 O O   . HOH B 2 .  ? 15.574  31.430  21.384  1.00 74.83 ? 32  HOH A O   1 
HETATM 546 O O   . HOH B 2 .  ? -3.369  8.644   -1.798  1.00 67.56 ? 33  HOH A O   1 
# 
